data_1FW4
# 
_entry.id   1FW4 
# 
_audit_conform.dict_name       mmcif_pdbx.dic 
_audit_conform.dict_version    5.376 
_audit_conform.dict_location   http://mmcif.pdb.org/dictionaries/ascii/mmcif_pdbx.dic 
# 
loop_
_database_2.database_id 
_database_2.database_code 
_database_2.pdbx_database_accession 
_database_2.pdbx_DOI 
PDB   1FW4         pdb_00001fw4 10.2210/pdb1fw4/pdb 
RCSB  RCSB011952   ?            ?                   
WWPDB D_1000011952 ?            ?                   
# 
_pdbx_database_PDB_obs_spr.id               SPRSDE 
_pdbx_database_PDB_obs_spr.pdb_id           1fw4 
_pdbx_database_PDB_obs_spr.replace_pdb_id   1trc 
_pdbx_database_PDB_obs_spr.date             2001-05-02 
_pdbx_database_PDB_obs_spr.details          ? 
# 
_pdbx_database_status.status_code                     REL 
_pdbx_database_status.entry_id                        1FW4 
_pdbx_database_status.recvd_initial_deposition_date   2000-09-21 
_pdbx_database_status.deposit_site                    RCSB 
_pdbx_database_status.process_site                    RCSB 
_pdbx_database_status.status_code_sf                  REL 
_pdbx_database_status.SG_entry                        . 
_pdbx_database_status.pdb_format_compatible           Y 
_pdbx_database_status.status_code_mr                  ? 
_pdbx_database_status.status_code_cs                  ? 
_pdbx_database_status.methods_development_category    ? 
_pdbx_database_status.status_code_nmr_data            ? 
# 
loop_
_audit_author.name 
_audit_author.pdbx_ordinal 
'Olsson, L.-L.' 1 
'Sjolin, L.'    2 
# 
_citation.id                        primary 
_citation.title                     'Structure of Escherichia coli fragment TR2C from calmodulin to 1.7 A resolution.' 
_citation.journal_abbrev            'Acta Crystallogr.,Sect.D' 
_citation.journal_volume            57 
_citation.page_first                664 
_citation.page_last                 669 
_citation.year                      2001 
_citation.journal_id_ASTM           ABCRE6 
_citation.country                   DK 
_citation.journal_id_ISSN           0907-4449 
_citation.journal_id_CSD            0766 
_citation.book_publisher            ? 
_citation.pdbx_database_id_PubMed   11320306 
_citation.pdbx_database_id_DOI      10.1107/S090744490100347X 
# 
loop_
_citation_author.citation_id 
_citation_author.name 
_citation_author.ordinal 
_citation_author.identifier_ORCID 
primary 'Olsson, L.L.' 1 ? 
primary 'Sjolin, L.'   2 ? 
# 
_cell.entry_id           1FW4 
_cell.length_a           37.802 
_cell.length_b           37.802 
_cell.length_c           99.779 
_cell.angle_alpha        90.00 
_cell.angle_beta         90.00 
_cell.angle_gamma        90.00 
_cell.Z_PDB              8 
_cell.pdbx_unique_axis   ? 
# 
_symmetry.entry_id                         1FW4 
_symmetry.space_group_name_H-M             'I 41' 
_symmetry.pdbx_full_space_group_name_H-M   ? 
_symmetry.cell_setting                     ? 
_symmetry.Int_Tables_number                80 
# 
loop_
_entity.id 
_entity.type 
_entity.src_method 
_entity.pdbx_description 
_entity.formula_weight 
_entity.pdbx_number_of_molecules 
_entity.pdbx_ec 
_entity.pdbx_mutation 
_entity.pdbx_fragment 
_entity.details 
1 polymer     man CALMODULIN    8155.828 1  ? ? 'C-TERMINAL DOMAIN (RESIDUES 78-148)' ? 
2 non-polymer syn 'CALCIUM ION' 40.078   2  ? ? ?                                     ? 
3 water       nat water         18.015   40 ? ? ?                                     ? 
# 
_entity_poly.entity_id                      1 
_entity_poly.type                           'polypeptide(L)' 
_entity_poly.nstd_linkage                   no 
_entity_poly.nstd_monomer                   no 
_entity_poly.pdbx_seq_one_letter_code       DTDSEEEIREAFRVFDKDGNGYISAAELRHVMTNLGEKLTDEEVDEMIREADIDGDGQVNYEEFVQMMTAK 
_entity_poly.pdbx_seq_one_letter_code_can   DTDSEEEIREAFRVFDKDGNGYISAAELRHVMTNLGEKLTDEEVDEMIREADIDGDGQVNYEEFVQMMTAK 
_entity_poly.pdbx_strand_id                 A 
_entity_poly.pdbx_target_identifier         ? 
# 
loop_
_entity_poly_seq.entity_id 
_entity_poly_seq.num 
_entity_poly_seq.mon_id 
_entity_poly_seq.hetero 
1 1  ASP n 
1 2  THR n 
1 3  ASP n 
1 4  SER n 
1 5  GLU n 
1 6  GLU n 
1 7  GLU n 
1 8  ILE n 
1 9  ARG n 
1 10 GLU n 
1 11 ALA n 
1 12 PHE n 
1 13 ARG n 
1 14 VAL n 
1 15 PHE n 
1 16 ASP n 
1 17 LYS n 
1 18 ASP n 
1 19 GLY n 
1 20 ASN n 
1 21 GLY n 
1 22 TYR n 
1 23 ILE n 
1 24 SER n 
1 25 ALA n 
1 26 ALA n 
1 27 GLU n 
1 28 LEU n 
1 29 ARG n 
1 30 HIS n 
1 31 VAL n 
1 32 MET n 
1 33 THR n 
1 34 ASN n 
1 35 LEU n 
1 36 GLY n 
1 37 GLU n 
1 38 LYS n 
1 39 LEU n 
1 40 THR n 
1 41 ASP n 
1 42 GLU n 
1 43 GLU n 
1 44 VAL n 
1 45 ASP n 
1 46 GLU n 
1 47 MET n 
1 48 ILE n 
1 49 ARG n 
1 50 GLU n 
1 51 ALA n 
1 52 ASP n 
1 53 ILE n 
1 54 ASP n 
1 55 GLY n 
1 56 ASP n 
1 57 GLY n 
1 58 GLN n 
1 59 VAL n 
1 60 ASN n 
1 61 TYR n 
1 62 GLU n 
1 63 GLU n 
1 64 PHE n 
1 65 VAL n 
1 66 GLN n 
1 67 MET n 
1 68 MET n 
1 69 THR n 
1 70 ALA n 
1 71 LYS n 
# 
_entity_src_gen.entity_id                          1 
_entity_src_gen.pdbx_src_id                        1 
_entity_src_gen.pdbx_alt_source_flag               sample 
_entity_src_gen.pdbx_seq_type                      ? 
_entity_src_gen.pdbx_beg_seq_num                   ? 
_entity_src_gen.pdbx_end_seq_num                   ? 
_entity_src_gen.gene_src_common_name               cattle 
_entity_src_gen.gene_src_genus                     Bos 
_entity_src_gen.pdbx_gene_src_gene                 ? 
_entity_src_gen.gene_src_species                   ? 
_entity_src_gen.gene_src_strain                    ? 
_entity_src_gen.gene_src_tissue                    ? 
_entity_src_gen.gene_src_tissue_fraction           ? 
_entity_src_gen.gene_src_details                   ? 
_entity_src_gen.pdbx_gene_src_fragment             ? 
_entity_src_gen.pdbx_gene_src_scientific_name      'Bos taurus' 
_entity_src_gen.pdbx_gene_src_ncbi_taxonomy_id     9913 
_entity_src_gen.pdbx_gene_src_variant              ? 
_entity_src_gen.pdbx_gene_src_cell_line            ? 
_entity_src_gen.pdbx_gene_src_atcc                 ? 
_entity_src_gen.pdbx_gene_src_organ                BRAIN 
_entity_src_gen.pdbx_gene_src_organelle            ? 
_entity_src_gen.pdbx_gene_src_cell                 ? 
_entity_src_gen.pdbx_gene_src_cellular_location    ? 
_entity_src_gen.host_org_common_name               ? 
_entity_src_gen.pdbx_host_org_scientific_name      'Escherichia coli' 
_entity_src_gen.pdbx_host_org_ncbi_taxonomy_id     562 
_entity_src_gen.host_org_genus                     Escherichia 
_entity_src_gen.pdbx_host_org_gene                 ? 
_entity_src_gen.pdbx_host_org_organ                ? 
_entity_src_gen.host_org_species                   ? 
_entity_src_gen.pdbx_host_org_tissue               ? 
_entity_src_gen.pdbx_host_org_tissue_fraction      ? 
_entity_src_gen.pdbx_host_org_strain               ? 
_entity_src_gen.pdbx_host_org_variant              ? 
_entity_src_gen.pdbx_host_org_cell_line            ? 
_entity_src_gen.pdbx_host_org_atcc                 ? 
_entity_src_gen.pdbx_host_org_culture_collection   ? 
_entity_src_gen.pdbx_host_org_cell                 ? 
_entity_src_gen.pdbx_host_org_organelle            ? 
_entity_src_gen.pdbx_host_org_cellular_location    ? 
_entity_src_gen.pdbx_host_org_vector_type          ? 
_entity_src_gen.pdbx_host_org_vector               ? 
_entity_src_gen.host_org_details                   ? 
_entity_src_gen.expression_system_id               ? 
_entity_src_gen.plasmid_name                       ? 
_entity_src_gen.plasmid_details                    ? 
_entity_src_gen.pdbx_description                   ? 
# 
_struct_ref.id                         1 
_struct_ref.db_name                    UNP 
_struct_ref.db_code                    CALM_BOVIN 
_struct_ref.pdbx_db_accession          P62157 
_struct_ref.entity_id                  1 
_struct_ref.pdbx_seq_one_letter_code   
;ADQLTEEQIAEFKEAFSLFDKDGDGTITTKELGTVMRSLGQNPTEAELQDMINEVDADGNGTIDFPEFLTMMARKMKDTD
SEEEIREAFRVFDKDGNGYISAAELRHVMTNLGEKLTDEEVDEMIREADIDGDGQVNYEEFVQMMTAK
;
_struct_ref.pdbx_align_begin           78 
_struct_ref.pdbx_db_isoform            ? 
# 
_struct_ref_seq.align_id                      1 
_struct_ref_seq.ref_id                        1 
_struct_ref_seq.pdbx_PDB_id_code              1FW4 
_struct_ref_seq.pdbx_strand_id                A 
_struct_ref_seq.seq_align_beg                 1 
_struct_ref_seq.pdbx_seq_align_beg_ins_code   ? 
_struct_ref_seq.seq_align_end                 71 
_struct_ref_seq.pdbx_seq_align_end_ins_code   ? 
_struct_ref_seq.pdbx_db_accession             P62157 
_struct_ref_seq.db_align_beg                  78 
_struct_ref_seq.pdbx_db_align_beg_ins_code    ? 
_struct_ref_seq.db_align_end                  148 
_struct_ref_seq.pdbx_db_align_end_ins_code    ? 
_struct_ref_seq.pdbx_auth_seq_align_beg       78 
_struct_ref_seq.pdbx_auth_seq_align_end       148 
# 
loop_
_chem_comp.id 
_chem_comp.type 
_chem_comp.mon_nstd_flag 
_chem_comp.name 
_chem_comp.pdbx_synonyms 
_chem_comp.formula 
_chem_comp.formula_weight 
ALA 'L-peptide linking' y ALANINE         ? 'C3 H7 N O2'     89.093  
ARG 'L-peptide linking' y ARGININE        ? 'C6 H15 N4 O2 1' 175.209 
ASN 'L-peptide linking' y ASPARAGINE      ? 'C4 H8 N2 O3'    132.118 
ASP 'L-peptide linking' y 'ASPARTIC ACID' ? 'C4 H7 N O4'     133.103 
CA  non-polymer         . 'CALCIUM ION'   ? 'Ca 2'           40.078  
GLN 'L-peptide linking' y GLUTAMINE       ? 'C5 H10 N2 O3'   146.144 
GLU 'L-peptide linking' y 'GLUTAMIC ACID' ? 'C5 H9 N O4'     147.129 
GLY 'peptide linking'   y GLYCINE         ? 'C2 H5 N O2'     75.067  
HIS 'L-peptide linking' y HISTIDINE       ? 'C6 H10 N3 O2 1' 156.162 
HOH non-polymer         . WATER           ? 'H2 O'           18.015  
ILE 'L-peptide linking' y ISOLEUCINE      ? 'C6 H13 N O2'    131.173 
LEU 'L-peptide linking' y LEUCINE         ? 'C6 H13 N O2'    131.173 
LYS 'L-peptide linking' y LYSINE          ? 'C6 H15 N2 O2 1' 147.195 
MET 'L-peptide linking' y METHIONINE      ? 'C5 H11 N O2 S'  149.211 
PHE 'L-peptide linking' y PHENYLALANINE   ? 'C9 H11 N O2'    165.189 
SER 'L-peptide linking' y SERINE          ? 'C3 H7 N O3'     105.093 
THR 'L-peptide linking' y THREONINE       ? 'C4 H9 N O3'     119.119 
TYR 'L-peptide linking' y TYROSINE        ? 'C9 H11 N O3'    181.189 
VAL 'L-peptide linking' y VALINE          ? 'C5 H11 N O2'    117.146 
# 
_exptl.entry_id          1FW4 
_exptl.method            'X-RAY DIFFRACTION' 
_exptl.crystals_number   2 
# 
_exptl_crystal.id                    1 
_exptl_crystal.density_meas          ? 
_exptl_crystal.density_percent_sol   45 
_exptl_crystal.density_Matthews      2.3 
_exptl_crystal.description           ? 
# 
_exptl_crystal_grow.crystal_id      1 
_exptl_crystal_grow.method          'VAPOR DIFFUSION, HANGING DROP' 
_exptl_crystal_grow.pH              4.6 
_exptl_crystal_grow.temp            293 
_exptl_crystal_grow.temp_details    ? 
_exptl_crystal_grow.pdbx_details    
'PEG 4000, calcium chloride, sodium acetate, pH 4.6, VAPOR DIFFUSION, HANGING DROP, temperature 293K' 
_exptl_crystal_grow.pdbx_pH_range   . 
# 
loop_
_diffrn.id 
_diffrn.ambient_temp 
_diffrn.ambient_temp_details 
_diffrn.crystal_id 
1 293 ? 1 
2 293 ? 1 
# 
loop_
_diffrn_detector.diffrn_id 
_diffrn_detector.detector 
_diffrn_detector.type 
_diffrn_detector.pdbx_collection_date 
_diffrn_detector.details 
1 'IMAGE PLATE' MARRESEARCH 1998-12-22 ? 
2 'IMAGE PLATE' MARRESEARCH 1999-02-17 ? 
# 
_diffrn_radiation.diffrn_id                        1 
_diffrn_radiation.wavelength_id                    1 
_diffrn_radiation.monochromator                    ? 
_diffrn_radiation.pdbx_monochromatic_or_laue_m_l   M 
_diffrn_radiation.pdbx_diffrn_protocol             'SINGLE WAVELENGTH' 
_diffrn_radiation.pdbx_scattering_type             x-ray 
# 
loop_
_diffrn_radiation_wavelength.id 
_diffrn_radiation_wavelength.wavelength 
_diffrn_radiation_wavelength.wt 
1 1.5418 1.0 
2 0.9960 1.0 
# 
loop_
_diffrn_source.diffrn_id 
_diffrn_source.source 
_diffrn_source.type 
_diffrn_source.pdbx_wavelength 
_diffrn_source.pdbx_synchrotron_site 
_diffrn_source.pdbx_synchrotron_beamline 
_diffrn_source.pdbx_wavelength_list 
1 'ROTATING ANODE' RIGAKU                 1.5418 ?        ?    ? 
2 SYNCHROTRON      'MAX II BEAMLINE I711' 0.9960 'MAX II' I711 ? 
# 
_reflns.entry_id                     1FW4 
_reflns.observed_criterion_sigma_I   -3.0 
_reflns.observed_criterion_sigma_F   ? 
_reflns.d_resolution_low             35.4 
_reflns.d_resolution_high            1.6 
_reflns.number_obs                   8839 
_reflns.number_all                   8839 
_reflns.percent_possible_obs         95.4 
_reflns.pdbx_Rmerge_I_obs            0.0730000 
_reflns.pdbx_Rsym_value              ? 
_reflns.pdbx_netI_over_sigmaI        11.9 
_reflns.B_iso_Wilson_estimate        32.2 
_reflns.pdbx_redundancy              3.7 
_reflns.R_free_details               ? 
_reflns.limit_h_max                  ? 
_reflns.limit_h_min                  ? 
_reflns.limit_k_max                  ? 
_reflns.limit_k_min                  ? 
_reflns.limit_l_max                  ? 
_reflns.limit_l_min                  ? 
_reflns.observed_criterion_F_max     ? 
_reflns.observed_criterion_F_min     ? 
_reflns.pdbx_diffrn_id               1 
_reflns.pdbx_ordinal                 1 
# 
_reflns_shell.d_res_high             1.60 
_reflns_shell.d_res_low              1.66 
_reflns_shell.percent_possible_obs   ? 
_reflns_shell.percent_possible_all   65.2 
_reflns_shell.Rmerge_I_obs           0.4050000 
_reflns_shell.meanI_over_sigI_obs    1.95 
_reflns_shell.pdbx_Rsym_value        ? 
_reflns_shell.pdbx_redundancy        2.3 
_reflns_shell.number_unique_all      621 
_reflns_shell.pdbx_diffrn_id         ? 
_reflns_shell.pdbx_ordinal           1 
# 
_refine.entry_id                                 1FW4 
_refine.ls_number_reflns_obs                     7694 
_refine.ls_number_reflns_all                     7694 
_refine.pdbx_ls_sigma_I                          ? 
_refine.pdbx_ls_sigma_F                          0.0 
_refine.pdbx_data_cutoff_high_absF               ? 
_refine.pdbx_data_cutoff_low_absF                ? 
_refine.ls_d_res_low                             20.0 
_refine.ls_d_res_high                            1.7 
_refine.ls_percent_reflns_obs                    99.9 
_refine.ls_R_factor_obs                          ? 
_refine.ls_R_factor_all                          ? 
_refine.ls_R_factor_R_work                       0.2180000 
_refine.ls_R_factor_R_free                       0.2200000 
_refine.ls_R_factor_R_free_error                 ? 
_refine.ls_R_factor_R_free_error_details         ? 
_refine.ls_percent_reflns_R_free                 4.7 
_refine.ls_number_reflns_R_free                  363 
_refine.ls_number_parameters                     ? 
_refine.ls_number_restraints                     ? 
_refine.occupancy_min                            ? 
_refine.occupancy_max                            ? 
_refine.B_iso_mean                               45.5 
_refine.aniso_B[1][1]                            ? 
_refine.aniso_B[2][2]                            ? 
_refine.aniso_B[3][3]                            ? 
_refine.aniso_B[1][2]                            ? 
_refine.aniso_B[1][3]                            ? 
_refine.aniso_B[2][3]                            ? 
_refine.solvent_model_details                    ? 
_refine.solvent_model_param_ksol                 ? 
_refine.solvent_model_param_bsol                 ? 
_refine.pdbx_ls_cross_valid_method               'FREE R' 
_refine.details                                  ? 
_refine.pdbx_starting_model                      1cll 
_refine.pdbx_method_to_determine_struct          'MOLECULAR REPLACEMENT' 
_refine.pdbx_isotropic_thermal_model             ? 
_refine.pdbx_stereochemistry_target_values       'Engh & Huber' 
_refine.pdbx_stereochem_target_val_spec_case     ? 
_refine.pdbx_R_Free_selection_details            random 
_refine.pdbx_overall_ESU_R_Free                  ? 
_refine.overall_SU_B                             ? 
_refine.ls_redundancy_reflns_obs                 ? 
_refine.B_iso_min                                ? 
_refine.B_iso_max                                ? 
_refine.overall_SU_ML                            ? 
_refine.pdbx_overall_ESU_R                       ? 
_refine.pdbx_data_cutoff_high_rms_absF           ? 
_refine.correlation_coeff_Fo_to_Fc               ? 
_refine.correlation_coeff_Fo_to_Fc_free          ? 
_refine.overall_SU_R_Cruickshank_DPI             ? 
_refine.overall_SU_R_free                        ? 
_refine.pdbx_refine_id                           'X-RAY DIFFRACTION' 
_refine.pdbx_diffrn_id                           1 
_refine.pdbx_TLS_residual_ADP_flag               ? 
_refine.pdbx_solvent_vdw_probe_radii             ? 
_refine.pdbx_solvent_ion_probe_radii             ? 
_refine.pdbx_solvent_shrinkage_radii             ? 
_refine.pdbx_overall_phase_error                 ? 
_refine.pdbx_overall_SU_R_free_Cruickshank_DPI   ? 
_refine.pdbx_overall_SU_R_Blow_DPI               ? 
_refine.pdbx_overall_SU_R_free_Blow_DPI          ? 
# 
_refine_analyze.entry_id                        1FW4 
_refine_analyze.Luzzati_coordinate_error_obs    0.25 
_refine_analyze.Luzzati_sigma_a_obs             ? 
_refine_analyze.Luzzati_d_res_low_obs           5.0 
_refine_analyze.Luzzati_coordinate_error_free   ? 
_refine_analyze.Luzzati_sigma_a_free            ? 
_refine_analyze.Luzzati_d_res_low_free          ? 
_refine_analyze.number_disordered_residues      ? 
_refine_analyze.occupancy_sum_hydrogen          ? 
_refine_analyze.occupancy_sum_non_hydrogen      ? 
_refine_analyze.pdbx_Luzzati_d_res_high_obs     ? 
_refine_analyze.pdbx_refine_id                  'X-RAY DIFFRACTION' 
# 
_refine_hist.pdbx_refine_id                   'X-RAY DIFFRACTION' 
_refine_hist.cycle_id                         LAST 
_refine_hist.pdbx_number_atoms_protein        533 
_refine_hist.pdbx_number_atoms_nucleic_acid   0 
_refine_hist.pdbx_number_atoms_ligand         2 
_refine_hist.number_atoms_solvent             40 
_refine_hist.number_atoms_total               575 
_refine_hist.d_res_high                       1.7 
_refine_hist.d_res_low                        20.0 
# 
loop_
_refine_ls_restr.type 
_refine_ls_restr.dev_ideal 
_refine_ls_restr.dev_ideal_target 
_refine_ls_restr.weight 
_refine_ls_restr.number 
_refine_ls_restr.pdbx_refine_id 
_refine_ls_restr.pdbx_restraint_function 
c_bond_d     0.013 ?   ? ? 'X-RAY DIFFRACTION' ? 
c_angle_deg  1.59  ?   ? ? 'X-RAY DIFFRACTION' ? 
c_mcbond_it  3.8   1.5 ? ? 'X-RAY DIFFRACTION' ? 
c_mcangle_it 4.7   2.0 ? ? 'X-RAY DIFFRACTION' ? 
c_scbond_it  5.7   2.0 ? ? 'X-RAY DIFFRACTION' ? 
c_scangle_it 7.4   2.5 ? ? 'X-RAY DIFFRACTION' ? 
# 
_refine_ls_shell.R_factor_R_free                  0.4340000 
_refine_ls_shell.R_factor_R_free_error            ? 
_refine_ls_shell.R_factor_R_work                  0.3900000 
_refine_ls_shell.d_res_high                       1.70 
_refine_ls_shell.d_res_low                        1.78 
_refine_ls_shell.pdbx_total_number_of_bins_used   8 
_refine_ls_shell.number_reflns_R_free             36 
_refine_ls_shell.number_reflns_R_work             928 
_refine_ls_shell.percent_reflns_R_free            3.7 
_refine_ls_shell.percent_reflns_obs               99.3 
_refine_ls_shell.redundancy_reflns_obs            ? 
_refine_ls_shell.number_reflns_all                ? 
_refine_ls_shell.number_reflns_obs                ? 
_refine_ls_shell.pdbx_refine_id                   'X-RAY DIFFRACTION' 
_refine_ls_shell.R_factor_all                     ? 
# 
_struct.entry_id                  1FW4 
_struct.title                     'CRYSTAL STRUCTURE OF E. COLI FRAGMENT TR2C FROM CALMODULIN TO 1.7 A RESOLUTION' 
_struct.pdbx_model_details        ? 
_struct.pdbx_CASP_flag            ? 
_struct.pdbx_model_type_details   ? 
# 
_struct_keywords.entry_id        1FW4 
_struct_keywords.pdbx_keywords   'METAL BINDING PROTEIN' 
_struct_keywords.text            
'EF-hand, Helix-loop-helix, Fragment, Calcium, TR2C, C-terminal domain, Calmodulin, METAL BINDING PROTEIN' 
# 
loop_
_struct_asym.id 
_struct_asym.pdbx_blank_PDB_chainid_flag 
_struct_asym.pdbx_modified 
_struct_asym.entity_id 
_struct_asym.details 
A N N 1 ? 
B N N 2 ? 
C N N 2 ? 
D N N 3 ? 
# 
_struct_biol.id                    1 
_struct_biol.pdbx_parent_biol_id   ? 
_struct_biol.details               ? 
# 
loop_
_struct_conf.conf_type_id 
_struct_conf.id 
_struct_conf.pdbx_PDB_helix_id 
_struct_conf.beg_label_comp_id 
_struct_conf.beg_label_asym_id 
_struct_conf.beg_label_seq_id 
_struct_conf.pdbx_beg_PDB_ins_code 
_struct_conf.end_label_comp_id 
_struct_conf.end_label_asym_id 
_struct_conf.end_label_seq_id 
_struct_conf.pdbx_end_PDB_ins_code 
_struct_conf.beg_auth_comp_id 
_struct_conf.beg_auth_asym_id 
_struct_conf.beg_auth_seq_id 
_struct_conf.end_auth_comp_id 
_struct_conf.end_auth_asym_id 
_struct_conf.end_auth_seq_id 
_struct_conf.pdbx_PDB_helix_class 
_struct_conf.details 
_struct_conf.pdbx_PDB_helix_length 
HELX_P HELX_P1 1 GLU A 5  ? ASP A 16 ? GLU A 82  ASP A 93  1 ? 12 
HELX_P HELX_P2 2 SER A 24 ? LEU A 35 ? SER A 101 LEU A 112 1 ? 12 
HELX_P HELX_P3 3 THR A 40 ? GLU A 50 ? THR A 117 GLU A 127 1 ? 11 
HELX_P HELX_P4 4 TYR A 61 ? MET A 68 ? TYR A 138 MET A 145 1 ? 8  
# 
_struct_conf_type.id          HELX_P 
_struct_conf_type.criteria    ? 
_struct_conf_type.reference   ? 
# 
loop_
_struct_conn.id 
_struct_conn.conn_type_id 
_struct_conn.pdbx_leaving_atom_flag 
_struct_conn.pdbx_PDB_id 
_struct_conn.ptnr1_label_asym_id 
_struct_conn.ptnr1_label_comp_id 
_struct_conn.ptnr1_label_seq_id 
_struct_conn.ptnr1_label_atom_id 
_struct_conn.pdbx_ptnr1_label_alt_id 
_struct_conn.pdbx_ptnr1_PDB_ins_code 
_struct_conn.pdbx_ptnr1_standard_comp_id 
_struct_conn.ptnr1_symmetry 
_struct_conn.ptnr2_label_asym_id 
_struct_conn.ptnr2_label_comp_id 
_struct_conn.ptnr2_label_seq_id 
_struct_conn.ptnr2_label_atom_id 
_struct_conn.pdbx_ptnr2_label_alt_id 
_struct_conn.pdbx_ptnr2_PDB_ins_code 
_struct_conn.ptnr1_auth_asym_id 
_struct_conn.ptnr1_auth_comp_id 
_struct_conn.ptnr1_auth_seq_id 
_struct_conn.ptnr2_auth_asym_id 
_struct_conn.ptnr2_auth_comp_id 
_struct_conn.ptnr2_auth_seq_id 
_struct_conn.ptnr2_symmetry 
_struct_conn.pdbx_ptnr3_label_atom_id 
_struct_conn.pdbx_ptnr3_label_seq_id 
_struct_conn.pdbx_ptnr3_label_comp_id 
_struct_conn.pdbx_ptnr3_label_asym_id 
_struct_conn.pdbx_ptnr3_label_alt_id 
_struct_conn.pdbx_ptnr3_PDB_ins_code 
_struct_conn.details 
_struct_conn.pdbx_dist_value 
_struct_conn.pdbx_value_order 
_struct_conn.pdbx_role 
metalc1  metalc ? ? A ASP 16 OD1 ? ? ? 1_555 B CA  . CA ? ? A ASP 93  A CA  201 1_555 ? ? ? ? ? ? ? 2.188 ? ? 
metalc2  metalc ? ? A ASP 18 OD1 ? ? ? 1_555 B CA  . CA ? ? A ASP 95  A CA  201 1_555 ? ? ? ? ? ? ? 2.398 ? ? 
metalc3  metalc ? ? A ASN 20 OD1 ? ? ? 1_555 B CA  . CA ? ? A ASN 97  A CA  201 1_555 ? ? ? ? ? ? ? 2.392 ? ? 
metalc4  metalc ? ? A TYR 22 O   ? ? ? 1_555 B CA  . CA ? ? A TYR 99  A CA  201 1_555 ? ? ? ? ? ? ? 2.191 ? ? 
metalc5  metalc ? ? A GLU 27 OE2 ? ? ? 1_555 B CA  . CA ? ? A GLU 104 A CA  201 1_555 ? ? ? ? ? ? ? 2.548 ? ? 
metalc6  metalc ? ? A GLU 27 OE1 ? ? ? 1_555 B CA  . CA ? ? A GLU 104 A CA  201 1_555 ? ? ? ? ? ? ? 2.512 ? ? 
metalc7  metalc ? ? A ASP 52 OD1 ? ? ? 1_555 C CA  . CA ? ? A ASP 129 A CA  202 1_555 ? ? ? ? ? ? ? 2.279 ? ? 
metalc8  metalc ? ? A ASP 54 OD1 ? ? ? 1_555 C CA  . CA ? ? A ASP 131 A CA  202 1_555 ? ? ? ? ? ? ? 2.461 ? ? 
metalc9  metalc ? ? A ASP 56 OD1 ? ? ? 1_555 C CA  . CA ? ? A ASP 133 A CA  202 1_555 ? ? ? ? ? ? ? 2.159 ? ? 
metalc10 metalc ? ? A GLN 58 O   ? ? ? 1_555 C CA  . CA ? ? A GLN 135 A CA  202 1_555 ? ? ? ? ? ? ? 2.371 ? ? 
metalc11 metalc ? ? A GLU 63 OE1 ? ? ? 1_555 C CA  . CA ? ? A GLU 140 A CA  202 1_555 ? ? ? ? ? ? ? 2.274 ? ? 
metalc12 metalc ? ? A GLU 63 OE2 ? ? ? 1_555 C CA  . CA ? ? A GLU 140 A CA  202 1_555 ? ? ? ? ? ? ? 2.538 ? ? 
metalc13 metalc ? ? B CA  .  CA  ? ? ? 1_555 D HOH . O  ? ? A CA  201 A HOH 305 1_555 ? ? ? ? ? ? ? 2.531 ? ? 
metalc14 metalc ? ? C CA  .  CA  ? ? ? 1_555 D HOH . O  ? ? A CA  202 A HOH 301 1_555 ? ? ? ? ? ? ? 2.429 ? ? 
# 
_struct_conn_type.id          metalc 
_struct_conn_type.criteria    ? 
_struct_conn_type.reference   ? 
# 
_struct_sheet.id               A 
_struct_sheet.type             ? 
_struct_sheet.number_strands   2 
_struct_sheet.details          ? 
# 
_struct_sheet_order.sheet_id     A 
_struct_sheet_order.range_id_1   1 
_struct_sheet_order.range_id_2   2 
_struct_sheet_order.offset       ? 
_struct_sheet_order.sense        anti-parallel 
# 
loop_
_struct_sheet_range.sheet_id 
_struct_sheet_range.id 
_struct_sheet_range.beg_label_comp_id 
_struct_sheet_range.beg_label_asym_id 
_struct_sheet_range.beg_label_seq_id 
_struct_sheet_range.pdbx_beg_PDB_ins_code 
_struct_sheet_range.end_label_comp_id 
_struct_sheet_range.end_label_asym_id 
_struct_sheet_range.end_label_seq_id 
_struct_sheet_range.pdbx_end_PDB_ins_code 
_struct_sheet_range.beg_auth_comp_id 
_struct_sheet_range.beg_auth_asym_id 
_struct_sheet_range.beg_auth_seq_id 
_struct_sheet_range.end_auth_comp_id 
_struct_sheet_range.end_auth_asym_id 
_struct_sheet_range.end_auth_seq_id 
A 1 TYR A 22 ? ILE A 23 ? TYR A 99  ILE A 100 
A 2 VAL A 59 ? ASN A 60 ? VAL A 136 ASN A 137 
# 
_pdbx_struct_sheet_hbond.sheet_id                A 
_pdbx_struct_sheet_hbond.range_id_1              1 
_pdbx_struct_sheet_hbond.range_id_2              2 
_pdbx_struct_sheet_hbond.range_1_label_atom_id   N 
_pdbx_struct_sheet_hbond.range_1_label_comp_id   ILE 
_pdbx_struct_sheet_hbond.range_1_label_asym_id   A 
_pdbx_struct_sheet_hbond.range_1_label_seq_id    23 
_pdbx_struct_sheet_hbond.range_1_PDB_ins_code    ? 
_pdbx_struct_sheet_hbond.range_1_auth_atom_id    N 
_pdbx_struct_sheet_hbond.range_1_auth_comp_id    ILE 
_pdbx_struct_sheet_hbond.range_1_auth_asym_id    A 
_pdbx_struct_sheet_hbond.range_1_auth_seq_id     100 
_pdbx_struct_sheet_hbond.range_2_label_atom_id   O 
_pdbx_struct_sheet_hbond.range_2_label_comp_id   VAL 
_pdbx_struct_sheet_hbond.range_2_label_asym_id   A 
_pdbx_struct_sheet_hbond.range_2_label_seq_id    59 
_pdbx_struct_sheet_hbond.range_2_PDB_ins_code    ? 
_pdbx_struct_sheet_hbond.range_2_auth_atom_id    O 
_pdbx_struct_sheet_hbond.range_2_auth_comp_id    VAL 
_pdbx_struct_sheet_hbond.range_2_auth_asym_id    A 
_pdbx_struct_sheet_hbond.range_2_auth_seq_id     136 
# 
loop_
_struct_site.id 
_struct_site.pdbx_evidence_code 
_struct_site.pdbx_auth_asym_id 
_struct_site.pdbx_auth_comp_id 
_struct_site.pdbx_auth_seq_id 
_struct_site.pdbx_auth_ins_code 
_struct_site.pdbx_num_residues 
_struct_site.details 
AC1 Software A CA 201 ? 6 'BINDING SITE FOR RESIDUE CA A 201' 
AC2 Software A CA 202 ? 6 'BINDING SITE FOR RESIDUE CA A 202' 
# 
loop_
_struct_site_gen.id 
_struct_site_gen.site_id 
_struct_site_gen.pdbx_num_res 
_struct_site_gen.label_comp_id 
_struct_site_gen.label_asym_id 
_struct_site_gen.label_seq_id 
_struct_site_gen.pdbx_auth_ins_code 
_struct_site_gen.auth_comp_id 
_struct_site_gen.auth_asym_id 
_struct_site_gen.auth_seq_id 
_struct_site_gen.label_atom_id 
_struct_site_gen.label_alt_id 
_struct_site_gen.symmetry 
_struct_site_gen.details 
1  AC1 6 ASP A 16 ? ASP A 93  . ? 1_555 ? 
2  AC1 6 ASP A 18 ? ASP A 95  . ? 1_555 ? 
3  AC1 6 ASN A 20 ? ASN A 97  . ? 1_555 ? 
4  AC1 6 TYR A 22 ? TYR A 99  . ? 1_555 ? 
5  AC1 6 GLU A 27 ? GLU A 104 . ? 1_555 ? 
6  AC1 6 HOH D .  ? HOH A 305 . ? 1_555 ? 
7  AC2 6 ASP A 52 ? ASP A 129 . ? 1_555 ? 
8  AC2 6 ASP A 54 ? ASP A 131 . ? 1_555 ? 
9  AC2 6 ASP A 56 ? ASP A 133 . ? 1_555 ? 
10 AC2 6 GLN A 58 ? GLN A 135 . ? 1_555 ? 
11 AC2 6 GLU A 63 ? GLU A 140 . ? 1_555 ? 
12 AC2 6 HOH D .  ? HOH A 301 . ? 1_555 ? 
# 
_atom_sites.entry_id                    1FW4 
_atom_sites.fract_transf_matrix[1][1]   0.01770178 
_atom_sites.fract_transf_matrix[1][2]   -0.00216146 
_atom_sites.fract_transf_matrix[1][3]   0.01953943 
_atom_sites.fract_transf_matrix[2][1]   -0.01909096 
_atom_sites.fract_transf_matrix[2][2]   -0.00816307 
_atom_sites.fract_transf_matrix[2][3]   0.01639249 
_atom_sites.fract_transf_matrix[3][1]   0.00177680 
_atom_sites.fract_transf_matrix[3][2]   -0.00949769 
_atom_sites.fract_transf_matrix[3][3]   -0.00266034 
_atom_sites.fract_transf_vector[1]      0.326224 
_atom_sites.fract_transf_vector[2]      0.639857 
_atom_sites.fract_transf_vector[3]      -0.012314 
# 
loop_
_atom_type.symbol 
C  
CA 
N  
O  
S  
# 
loop_
_atom_site.group_PDB 
_atom_site.id 
_atom_site.type_symbol 
_atom_site.label_atom_id 
_atom_site.label_alt_id 
_atom_site.label_comp_id 
_atom_site.label_asym_id 
_atom_site.label_entity_id 
_atom_site.label_seq_id 
_atom_site.pdbx_PDB_ins_code 
_atom_site.Cartn_x 
_atom_site.Cartn_y 
_atom_site.Cartn_z 
_atom_site.occupancy 
_atom_site.B_iso_or_equiv 
_atom_site.pdbx_formal_charge 
_atom_site.auth_seq_id 
_atom_site.auth_comp_id 
_atom_site.auth_asym_id 
_atom_site.auth_atom_id 
_atom_site.pdbx_PDB_model_num 
ATOM   1   N  N   . SER A 1 4  ? 4.110   6.152   15.818  1.00 71.88 ? 81  SER A N   1 
ATOM   2   C  CA  . SER A 1 4  ? 3.449   7.493   15.935  1.00 71.54 ? 81  SER A CA  1 
ATOM   3   C  C   . SER A 1 4  ? 2.150   7.492   15.121  1.00 73.70 ? 81  SER A C   1 
ATOM   4   O  O   . SER A 1 4  ? 1.783   6.471   14.529  1.00 79.27 ? 81  SER A O   1 
ATOM   5   C  CB  . SER A 1 4  ? 4.405   8.583   15.425  1.00 70.55 ? 81  SER A CB  1 
ATOM   6   O  OG  . SER A 1 4  ? 3.879   9.888   15.592  1.00 64.62 ? 81  SER A OG  1 
ATOM   7   N  N   . GLU A 1 5  ? 1.439   8.617   15.102  1.00 76.25 ? 82  GLU A N   1 
ATOM   8   C  CA  . GLU A 1 5  ? 0.190   8.699   14.332  1.00 69.48 ? 82  GLU A CA  1 
ATOM   9   C  C   . GLU A 1 5  ? 0.443   9.498   13.048  1.00 71.06 ? 82  GLU A C   1 
ATOM   10  O  O   . GLU A 1 5  ? -0.137  9.209   11.983  1.00 65.35 ? 82  GLU A O   1 
ATOM   11  C  CB  . GLU A 1 5  ? -0.918  9.353   15.175  1.00 74.97 ? 82  GLU A CB  1 
ATOM   12  C  CG  . GLU A 1 5  ? -1.224  8.586   16.478  1.00 77.46 ? 82  GLU A CG  1 
ATOM   13  C  CD  . GLU A 1 5  ? -2.394  9.159   17.271  1.00 75.93 ? 82  GLU A CD  1 
ATOM   14  O  OE1 . GLU A 1 5  ? -2.338  10.354  17.645  1.00 79.77 ? 82  GLU A OE1 1 
ATOM   15  O  OE2 . GLU A 1 5  ? -3.364  8.407   17.526  1.00 77.72 ? 82  GLU A OE2 1 
ATOM   16  N  N   . GLU A 1 6  ? 1.330   10.488  13.165  1.00 62.75 ? 83  GLU A N   1 
ATOM   17  C  CA  . GLU A 1 6  ? 1.722   11.357  12.062  1.00 60.98 ? 83  GLU A CA  1 
ATOM   18  C  C   . GLU A 1 6  ? 2.662   10.618  11.097  1.00 64.21 ? 83  GLU A C   1 
ATOM   19  O  O   . GLU A 1 6  ? 2.788   11.002  9.924   1.00 55.05 ? 83  GLU A O   1 
ATOM   20  C  CB  . GLU A 1 6  ? 2.434   12.592  12.609  1.00 65.66 ? 83  GLU A CB  1 
ATOM   21  C  CG  . GLU A 1 6  ? 3.684   12.246  13.401  1.00 70.38 ? 83  GLU A CG  1 
ATOM   22  C  CD  . GLU A 1 6  ? 4.327   13.457  14.058  1.00 78.32 ? 83  GLU A CD  1 
ATOM   23  O  OE1 . GLU A 1 6  ? 3.622   14.183  14.805  1.00 74.69 ? 83  GLU A OE1 1 
ATOM   24  O  OE2 . GLU A 1 6  ? 5.539   13.675  13.836  1.00 78.00 ? 83  GLU A OE2 1 
ATOM   25  N  N   . GLU A 1 7  ? 3.333   9.582   11.599  1.00 55.66 ? 84  GLU A N   1 
ATOM   26  C  CA  . GLU A 1 7  ? 4.232   8.780   10.772  1.00 61.07 ? 84  GLU A CA  1 
ATOM   27  C  C   . GLU A 1 7  ? 3.428   7.909   9.789   1.00 57.29 ? 84  GLU A C   1 
ATOM   28  O  O   . GLU A 1 7  ? 3.797   7.779   8.621   1.00 56.31 ? 84  GLU A O   1 
ATOM   29  C  CB  . GLU A 1 7  ? 5.125   7.897   11.660  1.00 60.50 ? 84  GLU A CB  1 
ATOM   30  C  CG  . GLU A 1 7  ? 6.161   8.708   12.458  1.00 71.65 ? 84  GLU A CG  1 
ATOM   31  C  CD  . GLU A 1 7  ? 6.881   7.891   13.525  1.00 74.71 ? 84  GLU A CD  1 
ATOM   32  O  OE1 . GLU A 1 7  ? 6.862   6.640   13.434  1.00 76.31 ? 84  GLU A OE1 1 
ATOM   33  O  OE2 . GLU A 1 7  ? 7.476   8.507   14.448  1.00 79.00 ? 84  GLU A OE2 1 
ATOM   34  N  N   . ILE A 1 8  ? 2.335   7.318   10.271  1.00 53.77 ? 85  ILE A N   1 
ATOM   35  C  CA  . ILE A 1 8  ? 1.474   6.482   9.438   1.00 51.57 ? 85  ILE A CA  1 
ATOM   36  C  C   . ILE A 1 8  ? 0.797   7.359   8.376   1.00 50.16 ? 85  ILE A C   1 
ATOM   37  O  O   . ILE A 1 8  ? 0.576   6.907   7.257   1.00 46.88 ? 85  ILE A O   1 
ATOM   38  C  CB  . ILE A 1 8  ? 0.366   5.747   10.277  1.00 49.97 ? 85  ILE A CB  1 
ATOM   39  C  CG1 . ILE A 1 8  ? 0.970   4.576   11.048  1.00 48.53 ? 85  ILE A CG1 1 
ATOM   40  C  CG2 . ILE A 1 8  ? -0.728  5.215   9.363   1.00 51.70 ? 85  ILE A CG2 1 
ATOM   41  C  CD1 . ILE A 1 8  ? -0.015  3.882   11.966  1.00 49.10 ? 85  ILE A CD1 1 
ATOM   42  N  N   . ARG A 1 9  ? 0.492   8.614   8.724   1.00 51.04 ? 86  ARG A N   1 
ATOM   43  C  CA  . ARG A 1 9  ? -0.162  9.542   7.799   1.00 50.02 ? 86  ARG A CA  1 
ATOM   44  C  C   . ARG A 1 9  ? 0.762   9.943   6.666   1.00 42.20 ? 86  ARG A C   1 
ATOM   45  O  O   . ARG A 1 9  ? 0.319   10.097  5.523   1.00 48.16 ? 86  ARG A O   1 
ATOM   46  C  CB  . ARG A 1 9  ? -0.633  10.806  8.527   1.00 47.31 ? 86  ARG A CB  1 
ATOM   47  C  CG  . ARG A 1 9  ? -1.137  11.882  7.591   1.00 53.58 ? 86  ARG A CG  1 
ATOM   48  C  CD  . ARG A 1 9  ? -1.177  13.205  8.319   1.00 62.06 ? 86  ARG A CD  1 
ATOM   49  N  NE  . ARG A 1 9  ? -0.444  14.238  7.591   1.00 63.42 ? 86  ARG A NE  1 
ATOM   50  C  CZ  . ARG A 1 9  ? 0.152   15.274  8.174   1.00 69.56 ? 86  ARG A CZ  1 
ATOM   51  N  NH1 . ARG A 1 9  ? 0.109   15.409  9.499   1.00 71.08 ? 86  ARG A NH1 1 
ATOM   52  N  NH2 . ARG A 1 9  ? 0.779   16.185  7.438   1.00 68.92 ? 86  ARG A NH2 1 
ATOM   53  N  N   A GLU A 1 10 ? 2.039   10.087  7.006   0.50 40.65 ? 87  GLU A N   1 
ATOM   54  N  N   B GLU A 1 10 ? 2.047   10.123  6.950   0.50 44.11 ? 87  GLU A N   1 
ATOM   55  C  CA  A GLU A 1 10 ? 3.090   10.466  6.063   0.50 37.73 ? 87  GLU A CA  1 
ATOM   56  C  CA  B GLU A 1 10 ? 2.976   10.502  5.881   0.50 40.74 ? 87  GLU A CA  1 
ATOM   57  C  C   A GLU A 1 10 ? 3.432   9.308   5.114   0.50 33.74 ? 87  GLU A C   1 
ATOM   58  C  C   B GLU A 1 10 ? 3.425   9.285   5.052   0.50 38.16 ? 87  GLU A C   1 
ATOM   59  O  O   A GLU A 1 10 ? 3.707   9.515   3.931   0.50 34.38 ? 87  GLU A O   1 
ATOM   60  O  O   B GLU A 1 10 ? 3.773   9.429   3.875   0.50 37.73 ? 87  GLU A O   1 
ATOM   61  C  CB  A GLU A 1 10 ? 4.364   10.845  6.837   0.50 38.99 ? 87  GLU A CB  1 
ATOM   62  C  CB  B GLU A 1 10 ? 4.185   11.267  6.454   0.50 46.00 ? 87  GLU A CB  1 
ATOM   63  C  CG  A GLU A 1 10 ? 4.280   12.052  7.754   0.50 46.22 ? 87  GLU A CG  1 
ATOM   64  C  CG  B GLU A 1 10 ? 4.040   12.800  6.397   0.50 47.31 ? 87  GLU A CG  1 
ATOM   65  C  CD  A GLU A 1 10 ? 5.201   11.900  8.958   0.50 52.15 ? 87  GLU A CD  1 
ATOM   66  C  CD  B GLU A 1 10 ? 3.755   13.324  4.984   0.50 49.67 ? 87  GLU A CD  1 
ATOM   67  O  OE1 A GLU A 1 10 ? 6.179   11.128  8.875   0.50 52.35 ? 87  GLU A OE1 1 
ATOM   68  O  OE1 B GLU A 1 10 ? 4.505   12.980  4.034   0.50 39.17 ? 87  GLU A OE1 1 
ATOM   69  O  OE2 A GLU A 1 10 ? 4.953   12.555  9.988   0.50 60.18 ? 87  GLU A OE2 1 
ATOM   70  O  OE2 B GLU A 1 10 ? 2.778   14.090  4.830   0.50 47.70 ? 87  GLU A OE2 1 
ATOM   71  N  N   . ALA A 1 11 ? 3.437   8.093   5.665   1.00 36.19 ? 88  ALA A N   1 
ATOM   72  C  CA  . ALA A 1 11 ? 3.791   6.876   4.933   1.00 35.56 ? 88  ALA A CA  1 
ATOM   73  C  C   . ALA A 1 11 ? 2.760   6.647   3.831   1.00 41.33 ? 88  ALA A C   1 
ATOM   74  O  O   . ALA A 1 11 ? 3.130   6.444   2.672   1.00 39.86 ? 88  ALA A O   1 
ATOM   75  C  CB  . ALA A 1 11 ? 3.840   5.660   5.880   1.00 37.00 ? 88  ALA A CB  1 
ATOM   76  N  N   . PHE A 1 12 ? 1.464   6.679   4.189   1.00 40.67 ? 89  PHE A N   1 
ATOM   77  C  CA  . PHE A 1 12 ? 0.399   6.489   3.192   1.00 38.48 ? 89  PHE A CA  1 
ATOM   78  C  C   . PHE A 1 12 ? 0.539   7.497   2.051   1.00 33.33 ? 89  PHE A C   1 
ATOM   79  O  O   . PHE A 1 12 ? 0.464   7.154   0.865   1.00 38.37 ? 89  PHE A O   1 
ATOM   80  C  CB  . PHE A 1 12 ? -0.978  6.658   3.850   1.00 43.11 ? 89  PHE A CB  1 
ATOM   81  C  CG  . PHE A 1 12 ? -2.133  6.298   2.946   1.00 38.09 ? 89  PHE A CG  1 
ATOM   82  C  CD1 . PHE A 1 12 ? -2.434  4.974   2.675   1.00 36.77 ? 89  PHE A CD1 1 
ATOM   83  C  CD2 . PHE A 1 12 ? -2.919  7.301   2.365   1.00 45.95 ? 89  PHE A CD2 1 
ATOM   84  C  CE1 . PHE A 1 12 ? -3.490  4.645   1.846   1.00 42.01 ? 89  PHE A CE1 1 
ATOM   85  C  CE2 . PHE A 1 12 ? -3.975  6.972   1.537   1.00 32.82 ? 89  PHE A CE2 1 
ATOM   86  C  CZ  . PHE A 1 12 ? -4.263  5.650   1.280   1.00 36.26 ? 89  PHE A CZ  1 
ATOM   87  N  N   . ARG A 1 13 ? 0.722   8.756   2.420   1.00 39.68 ? 90  ARG A N   1 
ATOM   88  C  CA  . ARG A 1 13 ? 0.871   9.842   1.459   1.00 42.35 ? 90  ARG A CA  1 
ATOM   89  C  C   . ARG A 1 13 ? 1.975   9.520   0.461   1.00 44.63 ? 90  ARG A C   1 
ATOM   90  O  O   . ARG A 1 13 ? 1.835   9.784   -0.730  1.00 46.90 ? 90  ARG A O   1 
ATOM   91  C  CB  . ARG A 1 13 ? 1.165   11.153  2.236   1.00 45.01 ? 90  ARG A CB  1 
ATOM   92  C  CG  . ARG A 1 13 ? 1.359   12.419  1.418   1.00 47.78 ? 90  ARG A CG  1 
ATOM   93  C  CD  . ARG A 1 13 ? 0.059   12.945  0.808   1.00 44.24 ? 90  ARG A CD  1 
ATOM   94  N  NE  . ARG A 1 13 ? 0.294   14.232  0.143   1.00 42.74 ? 90  ARG A NE  1 
ATOM   95  C  CZ  . ARG A 1 13 ? -0.498  14.790  -0.769  1.00 46.74 ? 90  ARG A CZ  1 
ATOM   96  N  NH1 . ARG A 1 13 ? -1.637  14.193  -1.169  1.00 39.87 ? 90  ARG A NH1 1 
ATOM   97  N  NH2 . ARG A 1 13 ? -0.147  15.954  -1.294  1.00 43.67 ? 90  ARG A NH2 1 
ATOM   98  N  N   . VAL A 1 14 ? 3.081   8.940   0.927   1.00 44.73 ? 91  VAL A N   1 
ATOM   99  C  CA  . VAL A 1 14 ? 4.196   8.599   0.032   1.00 47.04 ? 91  VAL A CA  1 
ATOM   100 C  C   . VAL A 1 14 ? 3.940   7.407   -0.904  1.00 42.03 ? 91  VAL A C   1 
ATOM   101 O  O   . VAL A 1 14 ? 4.415   7.414   -2.033  1.00 42.57 ? 91  VAL A O   1 
ATOM   102 C  CB  . VAL A 1 14 ? 5.521   8.339   0.865   1.00 56.89 ? 91  VAL A CB  1 
ATOM   103 C  CG1 . VAL A 1 14 ? 6.382   7.244   0.217   1.00 51.38 ? 91  VAL A CG1 1 
ATOM   104 C  CG2 . VAL A 1 14 ? 6.309   9.633   0.978   1.00 58.31 ? 91  VAL A CG2 1 
ATOM   105 N  N   . PHE A 1 15 ? 3.202   6.391   -0.450  1.00 36.61 ? 92  PHE A N   1 
ATOM   106 C  CA  . PHE A 1 15 ? 2.911   5.207   -1.260  1.00 34.61 ? 92  PHE A CA  1 
ATOM   107 C  C   . PHE A 1 15 ? 1.760   5.418   -2.276  1.00 34.38 ? 92  PHE A C   1 
ATOM   108 O  O   . PHE A 1 15 ? 1.709   4.757   -3.320  1.00 34.16 ? 92  PHE A O   1 
ATOM   109 C  CB  . PHE A 1 15 ? 2.561   4.014   -0.343  1.00 39.17 ? 92  PHE A CB  1 
ATOM   110 C  CG  . PHE A 1 15 ? 3.759   3.385   0.351   1.00 39.74 ? 92  PHE A CG  1 
ATOM   111 C  CD1 . PHE A 1 15 ? 4.299   3.935   1.509   1.00 56.37 ? 92  PHE A CD1 1 
ATOM   112 C  CD2 . PHE A 1 15 ? 4.361   2.246   -0.193  1.00 51.53 ? 92  PHE A CD2 1 
ATOM   113 C  CE1 . PHE A 1 15 ? 5.438   3.343   2.136   1.00 47.21 ? 92  PHE A CE1 1 
ATOM   114 C  CE2 . PHE A 1 15 ? 5.477   1.661   0.413   1.00 49.55 ? 92  PHE A CE2 1 
ATOM   115 C  CZ  . PHE A 1 15 ? 6.017   2.222   1.584   1.00 46.86 ? 92  PHE A CZ  1 
ATOM   116 N  N   . ASP A 1 16 ? 0.867   6.356   -1.957  1.00 28.32 ? 93  ASP A N   1 
ATOM   117 C  CA  . ASP A 1 16 ? -0.283  6.667   -2.820  1.00 29.49 ? 93  ASP A CA  1 
ATOM   118 C  C   . ASP A 1 16 ? 0.243   7.650   -3.832  1.00 30.92 ? 93  ASP A C   1 
ATOM   119 O  O   . ASP A 1 16 ? 0.070   8.882   -3.685  1.00 33.34 ? 93  ASP A O   1 
ATOM   120 C  CB  . ASP A 1 16 ? -1.378  7.358   -2.013  1.00 32.88 ? 93  ASP A CB  1 
ATOM   121 C  CG  . ASP A 1 16 ? -2.629  7.612   -2.834  1.00 35.45 ? 93  ASP A CG  1 
ATOM   122 O  OD1 . ASP A 1 16 ? -2.675  7.197   -4.023  1.00 32.88 ? 93  ASP A OD1 1 
ATOM   123 O  OD2 . ASP A 1 16 ? -3.542  8.220   -2.257  1.00 32.31 ? 93  ASP A OD2 1 
ATOM   124 N  N   . LYS A 1 17 ? 0.848   7.087   -4.861  1.00 33.40 ? 94  LYS A N   1 
ATOM   125 C  CA  . LYS A 1 17 ? 1.503   7.845   -5.909  1.00 35.66 ? 94  LYS A CA  1 
ATOM   126 C  C   . LYS A 1 17 ? 0.640   8.933   -6.530  1.00 38.33 ? 94  LYS A C   1 
ATOM   127 O  O   . LYS A 1 17 ? 1.067   10.086  -6.607  1.00 34.54 ? 94  LYS A O   1 
ATOM   128 C  CB  . LYS A 1 17 ? 2.001   6.872   -6.982  1.00 41.04 ? 94  LYS A CB  1 
ATOM   129 C  CG  . LYS A 1 17 ? 3.089   7.420   -7.846  1.00 55.77 ? 94  LYS A CG  1 
ATOM   130 C  CD  . LYS A 1 17 ? 4.330   7.802   -7.021  1.00 53.38 ? 94  LYS A CD  1 
ATOM   131 C  CE  . LYS A 1 17 ? 5.402   8.383   -7.937  1.00 59.66 ? 94  LYS A CE  1 
ATOM   132 N  NZ  . LYS A 1 17 ? 6.337   9.324   -7.243  1.00 59.18 ? 94  LYS A NZ  1 
ATOM   133 N  N   . ASP A 1 18 ? -0.571  8.581   -6.974  1.00 35.77 ? 95  ASP A N   1 
ATOM   134 C  CA  . ASP A 1 18 ? -1.427  9.585   -7.592  1.00 38.49 ? 95  ASP A CA  1 
ATOM   135 C  C   . ASP A 1 18 ? -2.293  10.393  -6.644  1.00 37.10 ? 95  ASP A C   1 
ATOM   136 O  O   . ASP A 1 18 ? -3.110  11.179  -7.081  1.00 35.76 ? 95  ASP A O   1 
ATOM   137 C  CB  . ASP A 1 18 ? -2.295  8.945   -8.696  1.00 33.64 ? 95  ASP A CB  1 
ATOM   138 C  CG  . ASP A 1 18 ? -3.229  7.848   -8.182  1.00 35.11 ? 95  ASP A CG  1 
ATOM   139 O  OD1 . ASP A 1 18 ? -3.316  7.639   -6.983  1.00 29.38 ? 95  ASP A OD1 1 
ATOM   140 O  OD2 . ASP A 1 18 ? -3.888  7.197   -8.985  1.00 38.53 ? 95  ASP A OD2 1 
ATOM   141 N  N   . GLY A 1 19 ? -2.122  10.189  -5.343  1.00 35.07 ? 96  GLY A N   1 
ATOM   142 C  CA  . GLY A 1 19 ? -2.899  10.915  -4.377  1.00 36.99 ? 96  GLY A CA  1 
ATOM   143 C  C   . GLY A 1 19 ? -4.404  10.617  -4.406  1.00 33.00 ? 96  GLY A C   1 
ATOM   144 O  O   . GLY A 1 19 ? -5.148  11.376  -3.797  1.00 34.81 ? 96  GLY A O   1 
ATOM   145 N  N   . ASN A 1 20 ? -4.855  9.534   -5.035  1.00 32.24 ? 97  ASN A N   1 
ATOM   146 C  CA  . ASN A 1 20 ? -6.323  9.293   -5.072  1.00 32.66 ? 97  ASN A CA  1 
ATOM   147 C  C   . ASN A 1 20 ? -6.966  8.702   -3.794  1.00 31.33 ? 97  ASN A C   1 
ATOM   148 O  O   . ASN A 1 20 ? -8.160  8.420   -3.763  1.00 35.21 ? 97  ASN A O   1 
ATOM   149 C  CB  . ASN A 1 20 ? -6.705  8.464   -6.314  1.00 34.35 ? 97  ASN A CB  1 
ATOM   150 C  CG  . ASN A 1 20 ? -6.541  6.962   -6.129  1.00 36.19 ? 97  ASN A CG  1 
ATOM   151 O  OD1 . ASN A 1 20 ? -5.687  6.507   -5.386  1.00 30.22 ? 97  ASN A OD1 1 
ATOM   152 N  ND2 . ASN A 1 20 ? -7.346  6.186   -6.836  1.00 31.76 ? 97  ASN A ND2 1 
ATOM   153 N  N   . GLY A 1 21 ? -6.180  8.499   -2.739  1.00 30.89 ? 98  GLY A N   1 
ATOM   154 C  CA  . GLY A 1 21 ? -6.772  7.959   -1.502  1.00 31.05 ? 98  GLY A CA  1 
ATOM   155 C  C   . GLY A 1 21 ? -6.704  6.444   -1.368  1.00 31.43 ? 98  GLY A C   1 
ATOM   156 O  O   . GLY A 1 21 ? -7.182  5.870   -0.383  1.00 28.37 ? 98  GLY A O   1 
ATOM   157 N  N   . TYR A 1 22 ? -6.112  5.795   -2.353  1.00 28.45 ? 99  TYR A N   1 
ATOM   158 C  CA  . TYR A 1 22 ? -5.962  4.324   -2.362  1.00 31.78 ? 99  TYR A CA  1 
ATOM   159 C  C   . TYR A 1 22 ? -4.603  3.923   -2.859  1.00 38.14 ? 99  TYR A C   1 
ATOM   160 O  O   . TYR A 1 22 ? -4.098  4.493   -3.845  1.00 26.85 ? 99  TYR A O   1 
ATOM   161 C  CB  . TYR A 1 22 ? -6.977  3.629   -3.303  1.00 26.04 ? 99  TYR A CB  1 
ATOM   162 C  CG  . TYR A 1 22 ? -8.438  3.770   -2.893  1.00 34.32 ? 99  TYR A CG  1 
ATOM   163 C  CD1 . TYR A 1 22 ? -8.985  2.980   -1.882  1.00 41.75 ? 99  TYR A CD1 1 
ATOM   164 C  CD2 . TYR A 1 22 ? -9.266  4.717   -3.512  1.00 39.69 ? 99  TYR A CD2 1 
ATOM   165 C  CE1 . TYR A 1 22 ? -10.320 3.131   -1.495  1.00 39.18 ? 99  TYR A CE1 1 
ATOM   166 C  CE2 . TYR A 1 22 ? -10.587 4.882   -3.129  1.00 41.97 ? 99  TYR A CE2 1 
ATOM   167 C  CZ  . TYR A 1 22 ? -11.113 4.083   -2.123  1.00 52.65 ? 99  TYR A CZ  1 
ATOM   168 O  OH  . TYR A 1 22 ? -12.444 4.258   -1.759  1.00 46.00 ? 99  TYR A OH  1 
ATOM   169 N  N   . ILE A 1 23 ? -3.977  2.976   -2.166  1.00 24.30 ? 100 ILE A N   1 
ATOM   170 C  CA  . ILE A 1 23 ? -2.709  2.441   -2.663  1.00 30.20 ? 100 ILE A CA  1 
ATOM   171 C  C   . ILE A 1 23 ? -3.110  1.215   -3.471  1.00 29.29 ? 100 ILE A C   1 
ATOM   172 O  O   . ILE A 1 23 ? -3.754  0.277   -2.944  1.00 28.17 ? 100 ILE A O   1 
ATOM   173 C  CB  . ILE A 1 23 ? -1.796  1.996   -1.526  1.00 27.24 ? 100 ILE A CB  1 
ATOM   174 C  CG1 . ILE A 1 23 ? -1.463  3.210   -0.639  1.00 28.71 ? 100 ILE A CG1 1 
ATOM   175 C  CG2 . ILE A 1 23 ? -0.512  1.347   -2.116  1.00 28.03 ? 100 ILE A CG2 1 
ATOM   176 C  CD1 . ILE A 1 23 ? -0.703  2.833   0.609   1.00 34.71 ? 100 ILE A CD1 1 
ATOM   177 N  N   . SER A 1 24 ? -2.764  1.209   -4.764  1.00 26.76 ? 101 SER A N   1 
ATOM   178 C  CA  . SER A 1 24 ? -3.127  0.099   -5.640  1.00 30.22 ? 101 SER A CA  1 
ATOM   179 C  C   . SER A 1 24 ? -1.969  -0.886  -5.706  1.00 32.59 ? 101 SER A C   1 
ATOM   180 O  O   . SER A 1 24 ? -0.867  -0.572  -5.239  1.00 32.48 ? 101 SER A O   1 
ATOM   181 C  CB  . SER A 1 24 ? -3.421  0.628   -7.062  1.00 37.36 ? 101 SER A CB  1 
ATOM   182 O  OG  . SER A 1 24 ? -2.221  1.164   -7.634  1.00 31.62 ? 101 SER A OG  1 
ATOM   183 N  N   . ALA A 1 25 ? -2.209  -2.059  -6.295  1.00 34.08 ? 102 ALA A N   1 
ATOM   184 C  CA  . ALA A 1 25 ? -1.142  -3.044  -6.438  1.00 38.04 ? 102 ALA A CA  1 
ATOM   185 C  C   . ALA A 1 25 ? 0.014   -2.450  -7.273  1.00 36.61 ? 102 ALA A C   1 
ATOM   186 O  O   . ALA A 1 25 ? 1.207   -2.620  -6.964  1.00 33.76 ? 102 ALA A O   1 
ATOM   187 C  CB  . ALA A 1 25 ? -1.698  -4.315  -7.084  1.00 41.49 ? 102 ALA A CB  1 
ATOM   188 N  N   . ALA A 1 26 ? -0.330  -1.728  -8.336  1.00 38.24 ? 103 ALA A N   1 
ATOM   189 C  CA  . ALA A 1 26 ? 0.710   -1.109  -9.168  1.00 34.08 ? 103 ALA A CA  1 
ATOM   190 C  C   . ALA A 1 26 ? 1.582   -0.149  -8.375  1.00 30.87 ? 103 ALA A C   1 
ATOM   191 O  O   . ALA A 1 26 ? 2.815   -0.152  -8.500  1.00 33.72 ? 103 ALA A O   1 
ATOM   192 C  CB  . ALA A 1 26 ? 0.066   -0.379  -10.367 1.00 43.13 ? 103 ALA A CB  1 
ATOM   193 N  N   . GLU A 1 27 ? 0.956   0.673   -7.533  1.00 29.79 ? 104 GLU A N   1 
ATOM   194 C  CA  . GLU A 1 27 ? 1.674   1.614   -6.722  1.00 30.13 ? 104 GLU A CA  1 
ATOM   195 C  C   . GLU A 1 27 ? 2.568   0.925   -5.693  1.00 30.96 ? 104 GLU A C   1 
ATOM   196 O  O   . GLU A 1 27 ? 3.721   1.347   -5.481  1.00 32.83 ? 104 GLU A O   1 
ATOM   197 C  CB  . GLU A 1 27 ? 0.700   2.555   -6.028  1.00 33.87 ? 104 GLU A CB  1 
ATOM   198 C  CG  . GLU A 1 27 ? 0.034   3.519   -7.016  1.00 32.34 ? 104 GLU A CG  1 
ATOM   199 C  CD  . GLU A 1 27 ? -1.046  4.395   -6.374  1.00 34.25 ? 104 GLU A CD  1 
ATOM   200 O  OE1 . GLU A 1 27 ? -1.675  3.953   -5.384  1.00 32.17 ? 104 GLU A OE1 1 
ATOM   201 O  OE2 . GLU A 1 27 ? -1.278  5.529   -6.861  1.00 30.35 ? 104 GLU A OE2 1 
ATOM   202 N  N   . LEU A 1 28 ? 2.012   -0.090  -5.029  1.00 31.24 ? 105 LEU A N   1 
ATOM   203 C  CA  . LEU A 1 28 ? 2.770   -0.882  -4.024  1.00 30.99 ? 105 LEU A CA  1 
ATOM   204 C  C   . LEU A 1 28 ? 3.957   -1.564  -4.759  1.00 31.20 ? 105 LEU A C   1 
ATOM   205 O  O   . LEU A 1 28 ? 5.109   -1.470  -4.332  1.00 35.07 ? 105 LEU A O   1 
ATOM   206 C  CB  . LEU A 1 28 ? 1.817   -1.944  -3.411  1.00 31.15 ? 105 LEU A CB  1 
ATOM   207 C  CG  . LEU A 1 28 ? 2.250   -2.819  -2.219  1.00 37.83 ? 105 LEU A CG  1 
ATOM   208 C  CD1 . LEU A 1 28 ? 2.729   -1.940  -1.107  1.00 39.30 ? 105 LEU A CD1 1 
ATOM   209 C  CD2 . LEU A 1 28 ? 1.034   -3.659  -1.754  1.00 37.96 ? 105 LEU A CD2 1 
ATOM   210 N  N   . ARG A 1 29 ? 3.672   -2.195  -5.902  1.00 32.13 ? 106 ARG A N   1 
ATOM   211 C  CA  . ARG A 1 29 ? 4.740   -2.840  -6.677  1.00 36.55 ? 106 ARG A CA  1 
ATOM   212 C  C   . ARG A 1 29 ? 5.833   -1.788  -7.018  1.00 34.87 ? 106 ARG A C   1 
ATOM   213 O  O   . ARG A 1 29 ? 7.046   -2.027  -6.877  1.00 35.68 ? 106 ARG A O   1 
ATOM   214 C  CB  . ARG A 1 29 ? 4.155   -3.491  -7.960  1.00 35.69 ? 106 ARG A CB  1 
ATOM   215 C  CG  . ARG A 1 29 ? 5.211   -4.341  -8.637  1.00 45.71 ? 106 ARG A CG  1 
ATOM   216 C  CD  . ARG A 1 29 ? 4.738   -5.218  -9.773  1.00 54.31 ? 106 ARG A CD  1 
ATOM   217 N  NE  . ARG A 1 29 ? 5.942   -5.773  -10.386 1.00 56.94 ? 106 ARG A NE  1 
ATOM   218 C  CZ  . ARG A 1 29 ? 5.960   -6.610  -11.413 1.00 65.62 ? 106 ARG A CZ  1 
ATOM   219 N  NH1 . ARG A 1 29 ? 4.822   -7.012  -11.968 1.00 67.47 ? 106 ARG A NH1 1 
ATOM   220 N  NH2 . ARG A 1 29 ? 7.127   -7.045  -11.877 1.00 58.28 ? 106 ARG A NH2 1 
ATOM   221 N  N   . HIS A 1 30 ? 5.403   -0.603  -7.440  1.00 32.46 ? 107 HIS A N   1 
ATOM   222 C  CA  . HIS A 1 30 ? 6.343   0.456   -7.795  1.00 33.62 ? 107 HIS A CA  1 
ATOM   223 C  C   . HIS A 1 30 ? 7.340   0.890   -6.708  1.00 37.95 ? 107 HIS A C   1 
ATOM   224 O  O   . HIS A 1 30 ? 8.539   1.011   -6.988  1.00 36.12 ? 107 HIS A O   1 
ATOM   225 C  CB  . HIS A 1 30 ? 5.563   1.668   -8.308  1.00 42.18 ? 107 HIS A CB  1 
ATOM   226 C  CG  . HIS A 1 30 ? 6.428   2.835   -8.642  1.00 50.35 ? 107 HIS A CG  1 
ATOM   227 N  ND1 . HIS A 1 30 ? 7.296   2.833   -9.714  1.00 56.68 ? 107 HIS A ND1 1 
ATOM   228 C  CD2 . HIS A 1 30 ? 6.596   4.035   -8.028  1.00 52.33 ? 107 HIS A CD2 1 
ATOM   229 C  CE1 . HIS A 1 30 ? 7.962   3.971   -9.744  1.00 54.19 ? 107 HIS A CE1 1 
ATOM   230 N  NE2 . HIS A 1 30 ? 7.556   4.720   -8.728  1.00 58.81 ? 107 HIS A NE2 1 
ATOM   231 N  N   . VAL A 1 31 ? 6.860   1.124   -5.479  1.00 31.17 ? 108 VAL A N   1 
ATOM   232 C  CA  . VAL A 1 31 ? 7.733   1.524   -4.379  1.00 39.16 ? 108 VAL A CA  1 
ATOM   233 C  C   . VAL A 1 31 ? 8.708   0.371   -4.021  1.00 29.75 ? 108 VAL A C   1 
ATOM   234 O  O   . VAL A 1 31 ? 9.890   0.613   -3.821  1.00 38.60 ? 108 VAL A O   1 
ATOM   235 C  CB  . VAL A 1 31 ? 6.908   1.906   -3.102  1.00 47.78 ? 108 VAL A CB  1 
ATOM   236 C  CG1 . VAL A 1 31 ? 7.874   2.426   -2.014  1.00 49.43 ? 108 VAL A CG1 1 
ATOM   237 C  CG2 . VAL A 1 31 ? 5.846   2.985   -3.432  1.00 49.54 ? 108 VAL A CG2 1 
ATOM   238 N  N   . MET A 1 32 ? 8.190   -0.851  -3.963  1.00 32.94 ? 109 MET A N   1 
ATOM   239 C  CA  . MET A 1 32 ? 9.001   -2.043  -3.623  1.00 36.78 ? 109 MET A CA  1 
ATOM   240 C  C   . MET A 1 32 ? 10.129  -2.217  -4.631  1.00 35.81 ? 109 MET A C   1 
ATOM   241 O  O   . MET A 1 32 ? 11.295  -2.442  -4.263  1.00 33.64 ? 109 MET A O   1 
ATOM   242 C  CB  . MET A 1 32 ? 8.135   -3.309  -3.584  1.00 34.58 ? 109 MET A CB  1 
ATOM   243 C  CG  . MET A 1 32 ? 6.934   -3.278  -2.598  1.00 45.66 ? 109 MET A CG  1 
ATOM   244 S  SD  . MET A 1 32 ? 7.443   -3.526  -0.915  1.00 64.66 ? 109 MET A SD  1 
ATOM   245 C  CE  . MET A 1 32 ? 8.036   -1.931  -0.472  1.00 54.70 ? 109 MET A CE  1 
ATOM   246 N  N   . THR A 1 33 ? 9.782   -2.112  -5.921  1.00 35.33 ? 110 THR A N   1 
ATOM   247 C  CA  . THR A 1 33 ? 10.773  -2.220  -6.996  1.00 35.01 ? 110 THR A CA  1 
ATOM   248 C  C   . THR A 1 33 ? 11.826  -1.110  -6.894  1.00 36.22 ? 110 THR A C   1 
ATOM   249 O  O   . THR A 1 33 ? 13.016  -1.394  -7.058  1.00 37.85 ? 110 THR A O   1 
ATOM   250 C  CB  . THR A 1 33 ? 10.091  -2.199  -8.378  1.00 36.60 ? 110 THR A CB  1 
ATOM   251 O  OG1 . THR A 1 33 ? 9.286   -3.377  -8.520  1.00 40.59 ? 110 THR A OG1 1 
ATOM   252 C  CG2 . THR A 1 33 ? 11.154  -2.191  -9.502  1.00 42.35 ? 110 THR A CG2 1 
ATOM   253 N  N   . ASN A 1 34 ? 11.433  0.141   -6.614  1.00 31.36 ? 111 ASN A N   1 
ATOM   254 C  CA  . ASN A 1 34 ? 12.416  1.209   -6.453  1.00 34.58 ? 111 ASN A CA  1 
ATOM   255 C  C   . ASN A 1 34 ? 13.332  0.964   -5.267  1.00 36.95 ? 111 ASN A C   1 
ATOM   256 O  O   . ASN A 1 34 ? 14.461  1.410   -5.255  1.00 38.37 ? 111 ASN A O   1 
ATOM   257 C  CB  . ASN A 1 34 ? 11.733  2.549   -6.282  1.00 41.41 ? 111 ASN A CB  1 
ATOM   258 C  CG  . ASN A 1 34 ? 11.420  3.211   -7.627  1.00 39.61 ? 111 ASN A CG  1 
ATOM   259 O  OD1 . ASN A 1 34 ? 11.267  2.534   -8.639  1.00 48.11 ? 111 ASN A OD1 1 
ATOM   260 N  ND2 . ASN A 1 34 ? 11.303  4.528   -7.622  1.00 53.40 ? 111 ASN A ND2 1 
ATOM   261 N  N   . LEU A 1 35 ? 12.831  0.270   -4.248  1.00 35.29 ? 112 LEU A N   1 
ATOM   262 C  CA  . LEU A 1 35 ? 13.667  -0.032  -3.084  1.00 35.76 ? 112 LEU A CA  1 
ATOM   263 C  C   . LEU A 1 35 ? 14.617  -1.206  -3.365  1.00 41.26 ? 112 LEU A C   1 
ATOM   264 O  O   . LEU A 1 35 ? 15.506  -1.509  -2.560  1.00 41.95 ? 112 LEU A O   1 
ATOM   265 C  CB  . LEU A 1 35 ? 12.785  -0.333  -1.871  1.00 40.17 ? 112 LEU A CB  1 
ATOM   266 C  CG  . LEU A 1 35 ? 11.956  0.876   -1.432  1.00 46.92 ? 112 LEU A CG  1 
ATOM   267 C  CD1 . LEU A 1 35 ? 11.002  0.475   -0.343  1.00 45.24 ? 112 LEU A CD1 1 
ATOM   268 C  CD2 . LEU A 1 35 ? 12.892  1.988   -0.968  1.00 40.50 ? 112 LEU A CD2 1 
ATOM   269 N  N   . GLY A 1 36 ? 14.423  -1.883  -4.490  1.00 33.75 ? 113 GLY A N   1 
ATOM   270 C  CA  . GLY A 1 36 ? 15.307  -2.979  -4.858  1.00 37.20 ? 113 GLY A CA  1 
ATOM   271 C  C   . GLY A 1 36 ? 14.745  -4.377  -4.812  1.00 32.68 ? 113 GLY A C   1 
ATOM   272 O  O   . GLY A 1 36 ? 15.472  -5.327  -5.119  1.00 34.65 ? 113 GLY A O   1 
ATOM   273 N  N   . GLU A 1 37 ? 13.466  -4.517  -4.458  1.00 35.25 ? 114 GLU A N   1 
ATOM   274 C  CA  . GLU A 1 37 ? 12.804  -5.818  -4.385  1.00 34.53 ? 114 GLU A CA  1 
ATOM   275 C  C   . GLU A 1 37 ? 12.484  -6.329  -5.775  1.00 38.84 ? 114 GLU A C   1 
ATOM   276 O  O   . GLU A 1 37 ? 12.202  -5.547  -6.685  1.00 41.82 ? 114 GLU A O   1 
ATOM   277 C  CB  . GLU A 1 37 ? 11.459  -5.753  -3.663  1.00 43.30 ? 114 GLU A CB  1 
ATOM   278 C  CG  . GLU A 1 37 ? 11.486  -5.757  -2.151  1.00 47.02 ? 114 GLU A CG  1 
ATOM   279 C  CD  . GLU A 1 37 ? 11.730  -7.136  -1.602  1.00 58.41 ? 114 GLU A CD  1 
ATOM   280 O  OE1 . GLU A 1 37 ? 12.907  -7.556  -1.627  1.00 57.47 ? 114 GLU A OE1 1 
ATOM   281 O  OE2 . GLU A 1 37 ? 10.757  -7.804  -1.155  1.00 55.30 ? 114 GLU A OE2 1 
ATOM   282 N  N   . LYS A 1 38 ? 12.553  -7.643  -5.937  1.00 35.71 ? 115 LYS A N   1 
ATOM   283 C  CA  . LYS A 1 38 ? 12.166  -8.253  -7.188  1.00 36.23 ? 115 LYS A CA  1 
ATOM   284 C  C   . LYS A 1 38 ? 10.838  -8.930  -6.830  1.00 44.68 ? 115 LYS A C   1 
ATOM   285 O  O   . LYS A 1 38 ? 10.792  -9.772  -5.943  1.00 43.97 ? 115 LYS A O   1 
ATOM   286 C  CB  . LYS A 1 38 ? 13.223  -9.272  -7.649  1.00 37.62 ? 115 LYS A CB  1 
ATOM   287 C  CG  . LYS A 1 38 ? 14.580  -8.634  -7.901  1.00 39.68 ? 115 LYS A CG  1 
ATOM   288 C  CD  . LYS A 1 38 ? 15.310  -9.295  -9.067  1.00 44.03 ? 115 LYS A CD  1 
ATOM   289 C  CE  . LYS A 1 38 ? 16.764  -8.928  -9.033  1.00 49.25 ? 115 LYS A CE  1 
ATOM   290 N  NZ  . LYS A 1 38 ? 17.602  -9.858  -9.887  1.00 51.17 ? 115 LYS A NZ  1 
ATOM   291 N  N   . LEU A 1 39 ? 9.728   -8.536  -7.446  1.00 39.54 ? 116 LEU A N   1 
ATOM   292 C  CA  . LEU A 1 39 ? 8.499   -9.241  -7.087  1.00 43.08 ? 116 LEU A CA  1 
ATOM   293 C  C   . LEU A 1 39 ? 7.573   -9.383  -8.267  1.00 47.23 ? 116 LEU A C   1 
ATOM   294 O  O   . LEU A 1 39 ? 7.771   -8.747  -9.301  1.00 49.38 ? 116 LEU A O   1 
ATOM   295 C  CB  . LEU A 1 39 ? 7.757   -8.585  -5.898  1.00 50.57 ? 116 LEU A CB  1 
ATOM   296 C  CG  . LEU A 1 39 ? 7.865   -7.110  -5.500  1.00 51.70 ? 116 LEU A CG  1 
ATOM   297 C  CD1 . LEU A 1 39 ? 7.571   -6.200  -6.673  1.00 56.59 ? 116 LEU A CD1 1 
ATOM   298 C  CD2 . LEU A 1 39 ? 6.885   -6.848  -4.362  1.00 52.64 ? 116 LEU A CD2 1 
ATOM   299 N  N   . THR A 1 40 ? 6.590   -10.251 -8.110  1.00 40.73 ? 117 THR A N   1 
ATOM   300 C  CA  . THR A 1 40 ? 5.611   -10.512 -9.151  1.00 42.14 ? 117 THR A CA  1 
ATOM   301 C  C   . THR A 1 40 ? 4.308   -9.956  -8.700  1.00 40.48 ? 117 THR A C   1 
ATOM   302 O  O   . THR A 1 40 ? 4.171   -9.557  -7.543  1.00 37.70 ? 117 THR A O   1 
ATOM   303 C  CB  . THR A 1 40 ? 5.444   -12.007 -9.374  1.00 49.31 ? 117 THR A CB  1 
ATOM   304 O  OG1 . THR A 1 40 ? 5.180   -12.659 -8.120  1.00 43.31 ? 117 THR A OG1 1 
ATOM   305 C  CG2 . THR A 1 40 ? 6.707   -12.578 -10.019 1.00 47.20 ? 117 THR A CG2 1 
ATOM   306 N  N   . ASP A 1 41 ? 3.333   -9.899  -9.599  1.00 38.62 ? 118 ASP A N   1 
ATOM   307 C  CA  . ASP A 1 41 ? 2.048   -9.384  -9.198  1.00 36.19 ? 118 ASP A CA  1 
ATOM   308 C  C   . ASP A 1 41 ? 1.421   -10.318 -8.177  1.00 39.47 ? 118 ASP A C   1 
ATOM   309 O  O   . ASP A 1 41 ? 0.668   -9.847  -7.340  1.00 35.62 ? 118 ASP A O   1 
ATOM   310 C  CB  . ASP A 1 41 ? 1.091   -9.293  -10.381 1.00 45.80 ? 118 ASP A CB  1 
ATOM   311 C  CG  . ASP A 1 41 ? 1.492   -8.222  -11.369 1.00 56.17 ? 118 ASP A CG  1 
ATOM   312 O  OD1 . ASP A 1 41 ? 2.217   -7.280  -10.965 1.00 61.52 ? 118 ASP A OD1 1 
ATOM   313 O  OD2 . ASP A 1 41 ? 1.057   -8.319  -12.542 1.00 55.39 ? 118 ASP A OD2 1 
ATOM   314 N  N   . GLU A 1 42 ? 1.727   -11.619 -8.250  1.00 38.42 ? 119 GLU A N   1 
ATOM   315 C  CA  . GLU A 1 42 ? 1.151   -12.595 -7.321  1.00 31.43 ? 119 GLU A CA  1 
ATOM   316 C  C   . GLU A 1 42 ? 1.622   -12.317 -5.877  1.00 30.78 ? 119 GLU A C   1 
ATOM   317 O  O   . GLU A 1 42 ? 0.858   -12.462 -4.914  1.00 29.36 ? 119 GLU A O   1 
ATOM   318 C  CB  . GLU A 1 42 ? 1.547   -14.018 -7.700  1.00 35.06 ? 119 GLU A CB  1 
ATOM   319 C  CG  . GLU A 1 42 ? 0.743   -14.646 -8.825  1.00 46.42 ? 119 GLU A CG  1 
ATOM   320 C  CD  . GLU A 1 42 ? -0.764  -14.422 -8.735  1.00 49.00 ? 119 GLU A CD  1 
ATOM   321 O  OE1 . GLU A 1 42 ? -1.468  -15.104 -7.951  1.00 51.44 ? 119 GLU A OE1 1 
ATOM   322 O  OE2 . GLU A 1 42 ? -1.256  -13.542 -9.470  1.00 57.82 ? 119 GLU A OE2 1 
ATOM   323 N  N   . GLU A 1 43 ? 2.884   -11.911 -5.763  1.00 33.66 ? 120 GLU A N   1 
ATOM   324 C  CA  . GLU A 1 43 ? 3.463   -11.586 -4.459  1.00 32.64 ? 120 GLU A CA  1 
ATOM   325 C  C   . GLU A 1 43 ? 2.788   -10.314 -3.958  1.00 36.83 ? 120 GLU A C   1 
ATOM   326 O  O   . GLU A 1 43 ? 2.372   -10.226 -2.778  1.00 32.59 ? 120 GLU A O   1 
ATOM   327 C  CB  . GLU A 1 43 ? 4.966   -11.384 -4.574  1.00 30.69 ? 120 GLU A CB  1 
ATOM   328 C  CG  . GLU A 1 43 ? 5.629   -10.967 -3.222  1.00 31.32 ? 120 GLU A CG  1 
ATOM   329 C  CD  . GLU A 1 43 ? 7.093   -11.315 -3.142  1.00 34.48 ? 120 GLU A CD  1 
ATOM   330 O  OE1 . GLU A 1 43 ? 7.647   -11.871 -4.091  1.00 36.69 ? 120 GLU A OE1 1 
ATOM   331 O  OE2 . GLU A 1 43 ? 7.722   -11.043 -2.088  1.00 44.64 ? 120 GLU A OE2 1 
ATOM   332 N  N   . VAL A 1 44 ? 2.658   -9.315  -4.836  1.00 27.65 ? 121 VAL A N   1 
ATOM   333 C  CA  . VAL A 1 44 ? 1.981   -8.098  -4.418  1.00 31.66 ? 121 VAL A CA  1 
ATOM   334 C  C   . VAL A 1 44 ? 0.549   -8.378  -3.959  1.00 31.13 ? 121 VAL A C   1 
ATOM   335 O  O   . VAL A 1 44 ? 0.094   -7.809  -2.956  1.00 34.52 ? 121 VAL A O   1 
ATOM   336 C  CB  . VAL A 1 44 ? 2.003   -7.012  -5.562  1.00 38.39 ? 121 VAL A CB  1 
ATOM   337 C  CG1 . VAL A 1 44 ? 1.066   -5.882  -5.226  1.00 44.79 ? 121 VAL A CG1 1 
ATOM   338 C  CG2 . VAL A 1 44 ? 3.409   -6.468  -5.725  1.00 40.59 ? 121 VAL A CG2 1 
ATOM   339 N  N   . ASP A 1 45 ? -0.178  -9.253  -4.662  1.00 34.18 ? 122 ASP A N   1 
ATOM   340 C  CA  . ASP A 1 45 ? -1.562  -9.582  -4.257  1.00 30.90 ? 122 ASP A CA  1 
ATOM   341 C  C   . ASP A 1 45 ? -1.667  -10.182 -2.892  1.00 31.69 ? 122 ASP A C   1 
ATOM   342 O  O   . ASP A 1 45 ? -2.613  -9.882  -2.156  1.00 35.87 ? 122 ASP A O   1 
ATOM   343 C  CB  . ASP A 1 45 ? -2.241  -10.537 -5.233  1.00 36.00 ? 122 ASP A CB  1 
ATOM   344 C  CG  . ASP A 1 45 ? -2.482  -9.889  -6.589  1.00 42.84 ? 122 ASP A CG  1 
ATOM   345 O  OD1 . ASP A 1 45 ? -2.213  -8.677  -6.744  1.00 39.12 ? 122 ASP A OD1 1 
ATOM   346 O  OD2 . ASP A 1 45 ? -2.938  -10.588 -7.493  1.00 46.31 ? 122 ASP A OD2 1 
ATOM   347 N  N   . GLU A 1 46 ? -0.715  -11.031 -2.545  1.00 33.17 ? 123 GLU A N   1 
ATOM   348 C  CA  . GLU A 1 46 ? -0.775  -11.651 -1.223  1.00 34.75 ? 123 GLU A CA  1 
ATOM   349 C  C   . GLU A 1 46 ? -0.635  -10.575 -0.130  1.00 39.90 ? 123 GLU A C   1 
ATOM   350 O  O   . GLU A 1 46 ? -1.348  -10.601 0.892   1.00 34.59 ? 123 GLU A O   1 
ATOM   351 C  CB  . GLU A 1 46 ? 0.312   -12.696 -1.098  1.00 37.66 ? 123 GLU A CB  1 
ATOM   352 C  CG  . GLU A 1 46 ? 0.364   -13.350 0.290   1.00 32.45 ? 123 GLU A CG  1 
ATOM   353 C  CD  . GLU A 1 46 ? 1.349   -14.491 0.290   1.00 41.80 ? 123 GLU A CD  1 
ATOM   354 O  OE1 . GLU A 1 46 ? 1.222   -15.334 -0.609  1.00 31.88 ? 123 GLU A OE1 1 
ATOM   355 O  OE2 . GLU A 1 46 ? 2.263   -14.556 1.144   1.00 41.24 ? 123 GLU A OE2 1 
ATOM   356 N  N   . MET A 1 47 ? 0.300   -9.644  -0.348  1.00 37.12 ? 124 MET A N   1 
ATOM   357 C  CA  . MET A 1 47 ? 0.508   -8.525  0.558   1.00 39.28 ? 124 MET A CA  1 
ATOM   358 C  C   . MET A 1 47 ? -0.771  -7.730  0.691   1.00 41.11 ? 124 MET A C   1 
ATOM   359 O  O   . MET A 1 47 ? -1.198  -7.417  1.800   1.00 40.83 ? 124 MET A O   1 
ATOM   360 C  CB  . MET A 1 47 ? 1.595   -7.631  0.013   1.00 38.19 ? 124 MET A CB  1 
ATOM   361 C  CG  . MET A 1 47 ? 2.979   -8.211  0.208   1.00 40.59 ? 124 MET A CG  1 
ATOM   362 S  SD  . MET A 1 47 ? 4.260   -7.286  -0.609  1.00 44.48 ? 124 MET A SD  1 
ATOM   363 C  CE  . MET A 1 47 ? 4.066   -5.667  0.135   1.00 45.93 ? 124 MET A CE  1 
ATOM   364 N  N   . ILE A 1 48 ? -1.391  -7.364  -0.437  1.00 34.48 ? 125 ILE A N   1 
ATOM   365 C  CA  . ILE A 1 48 ? -2.652  -6.626  -0.371  1.00 37.00 ? 125 ILE A CA  1 
ATOM   366 C  C   . ILE A 1 48 ? -3.752  -7.411  0.385   1.00 40.74 ? 125 ILE A C   1 
ATOM   367 O  O   . ILE A 1 48 ? -4.506  -6.833  1.191   1.00 39.51 ? 125 ILE A O   1 
ATOM   368 C  CB  . ILE A 1 48 ? -3.079  -6.225  -1.809  1.00 37.91 ? 125 ILE A CB  1 
ATOM   369 C  CG1 . ILE A 1 48 ? -2.071  -5.174  -2.322  1.00 39.09 ? 125 ILE A CG1 1 
ATOM   370 C  CG2 . ILE A 1 48 ? -4.512  -5.763  -1.853  1.00 40.44 ? 125 ILE A CG2 1 
ATOM   371 C  CD1 . ILE A 1 48 ? -2.567  -4.238  -3.376  1.00 42.01 ? 125 ILE A CD1 1 
ATOM   372 N  N   . ARG A 1 49 ? -3.824  -8.730  0.189   1.00 41.96 ? 126 ARG A N   1 
ATOM   373 C  CA  . ARG A 1 49 ? -4.863  -9.532  0.889   1.00 41.87 ? 126 ARG A CA  1 
ATOM   374 C  C   . ARG A 1 49 ? -4.775  -9.441  2.415   1.00 42.74 ? 126 ARG A C   1 
ATOM   375 O  O   . ARG A 1 49 ? -5.795  -9.579  3.109   1.00 44.40 ? 126 ARG A O   1 
ATOM   376 C  CB  . ARG A 1 49 ? -4.780  -11.006 0.481   1.00 40.45 ? 126 ARG A CB  1 
ATOM   377 C  CG  . ARG A 1 49 ? -5.432  -11.301 -0.834  1.00 42.92 ? 126 ARG A CG  1 
ATOM   378 C  CD  . ARG A 1 49 ? -5.737  -12.807 -0.937  1.00 43.18 ? 126 ARG A CD  1 
ATOM   379 N  NE  . ARG A 1 49 ? -4.557  -13.639 -0.727  1.00 43.37 ? 126 ARG A NE  1 
ATOM   380 C  CZ  . ARG A 1 49 ? -3.628  -13.841 -1.647  1.00 37.05 ? 126 ARG A CZ  1 
ATOM   381 N  NH1 . ARG A 1 49 ? -3.765  -13.256 -2.826  1.00 36.10 ? 126 ARG A NH1 1 
ATOM   382 N  NH2 . ARG A 1 49 ? -2.581  -14.618 -1.391  1.00 40.20 ? 126 ARG A NH2 1 
ATOM   383 N  N   . GLU A 1 50 ? -3.555  -9.226  2.916   1.00 42.57 ? 127 GLU A N   1 
ATOM   384 C  CA  . GLU A 1 50 ? -3.263  -9.090  4.344   1.00 49.87 ? 127 GLU A CA  1 
ATOM   385 C  C   . GLU A 1 50 ? -3.778  -7.772  4.917   1.00 53.00 ? 127 GLU A C   1 
ATOM   386 O  O   . GLU A 1 50 ? -3.912  -7.634  6.140   1.00 51.69 ? 127 GLU A O   1 
ATOM   387 C  CB  . GLU A 1 50 ? -1.749  -9.118  4.600   1.00 47.82 ? 127 GLU A CB  1 
ATOM   388 C  CG  . GLU A 1 50 ? -1.083  -10.464 4.396   1.00 56.27 ? 127 GLU A CG  1 
ATOM   389 C  CD  . GLU A 1 50 ? -1.569  -11.491 5.390   1.00 55.44 ? 127 GLU A CD  1 
ATOM   390 O  OE1 . GLU A 1 50 ? -1.055  -11.468 6.530   1.00 66.97 ? 127 GLU A OE1 1 
ATOM   391 O  OE2 . GLU A 1 50 ? -2.478  -12.300 5.051   1.00 48.67 ? 127 GLU A OE2 1 
ATOM   392 N  N   . ALA A 1 51 ? -4.044  -6.802  4.045   1.00 51.11 ? 128 ALA A N   1 
ATOM   393 C  CA  . ALA A 1 51 ? -4.499  -5.473  4.475   1.00 46.51 ? 128 ALA A CA  1 
ATOM   394 C  C   . ALA A 1 51 ? -5.880  -5.129  3.935   1.00 48.40 ? 128 ALA A C   1 
ATOM   395 O  O   . ALA A 1 51 ? -6.595  -4.287  4.492   1.00 50.51 ? 128 ALA A O   1 
ATOM   396 C  CB  . ALA A 1 51 ? -3.488  -4.415  4.011   1.00 49.81 ? 128 ALA A CB  1 
ATOM   397 N  N   . ASP A 1 52 ? -6.269  -5.784  2.854   1.00 47.44 ? 129 ASP A N   1 
ATOM   398 C  CA  . ASP A 1 52 ? -7.547  -5.507  2.225   1.00 41.71 ? 129 ASP A CA  1 
ATOM   399 C  C   . ASP A 1 52 ? -8.822  -6.013  2.897   1.00 46.24 ? 129 ASP A C   1 
ATOM   400 O  O   . ASP A 1 52 ? -9.397  -7.016  2.480   1.00 55.98 ? 129 ASP A O   1 
ATOM   401 C  CB  . ASP A 1 52 ? -7.525  -5.986  0.785   1.00 42.79 ? 129 ASP A CB  1 
ATOM   402 C  CG  . ASP A 1 52 ? -8.614  -5.377  -0.007  1.00 43.82 ? 129 ASP A CG  1 
ATOM   403 O  OD1 . ASP A 1 52 ? -9.129  -4.343  0.477   1.00 43.62 ? 129 ASP A OD1 1 
ATOM   404 O  OD2 . ASP A 1 52 ? -8.945  -5.900  -1.097  1.00 55.94 ? 129 ASP A OD2 1 
ATOM   405 N  N   . ILE A 1 53 ? -9.284  -5.245  3.879   1.00 49.47 ? 130 ILE A N   1 
ATOM   406 C  CA  . ILE A 1 53 ? -10.489 -5.501  4.666   1.00 55.18 ? 130 ILE A CA  1 
ATOM   407 C  C   . ILE A 1 53 ? -11.814 -5.500  3.904   1.00 57.36 ? 130 ILE A C   1 
ATOM   408 O  O   . ILE A 1 53 ? -12.575 -6.481  3.969   1.00 57.21 ? 130 ILE A O   1 
ATOM   409 C  CB  . ILE A 1 53 ? -10.596 -4.456  5.783   1.00 54.44 ? 130 ILE A CB  1 
ATOM   410 C  CG1 . ILE A 1 53 ? -9.521  -4.727  6.831   1.00 56.24 ? 130 ILE A CG1 1 
ATOM   411 C  CG2 . ILE A 1 53 ? -12.014 -4.441  6.371   1.00 63.86 ? 130 ILE A CG2 1 
ATOM   412 C  CD1 . ILE A 1 53 ? -9.187  -3.525  7.691   1.00 54.82 ? 130 ILE A CD1 1 
ATOM   413 N  N   . ASP A 1 54 ? -12.104 -4.399  3.210   1.00 47.52 ? 131 ASP A N   1 
ATOM   414 C  CA  . ASP A 1 54 ? -13.352 -4.273  2.469   1.00 48.01 ? 131 ASP A CA  1 
ATOM   415 C  C   . ASP A 1 54 ? -13.295 -5.012  1.128   1.00 54.45 ? 131 ASP A C   1 
ATOM   416 O  O   . ASP A 1 54 ? -14.218 -4.924  0.306   1.00 58.74 ? 131 ASP A O   1 
ATOM   417 C  CB  . ASP A 1 54 ? -13.693 -2.788  2.255   1.00 51.27 ? 131 ASP A CB  1 
ATOM   418 C  CG  . ASP A 1 54 ? -12.687 -2.076  1.344   1.00 53.28 ? 131 ASP A CG  1 
ATOM   419 O  OD1 . ASP A 1 54 ? -11.771 -2.763  0.865   1.00 45.89 ? 131 ASP A OD1 1 
ATOM   420 O  OD2 . ASP A 1 54 ? -12.827 -0.853  1.101   1.00 52.93 ? 131 ASP A OD2 1 
ATOM   421 N  N   . GLY A 1 55 ? -12.198 -5.724  0.912   1.00 56.39 ? 132 GLY A N   1 
ATOM   422 C  CA  . GLY A 1 55 ? -12.030 -6.497  -0.303  1.00 55.35 ? 132 GLY A CA  1 
ATOM   423 C  C   . GLY A 1 55 ? -12.088 -5.828  -1.658  1.00 60.44 ? 132 GLY A C   1 
ATOM   424 O  O   . GLY A 1 55 ? -12.491 -6.484  -2.621  1.00 65.67 ? 132 GLY A O   1 
ATOM   425 N  N   . ASP A 1 56 ? -11.685 -4.558  -1.779  1.00 53.58 ? 133 ASP A N   1 
ATOM   426 C  CA  . ASP A 1 56 ? -11.715 -3.913  -3.091  1.00 49.39 ? 133 ASP A CA  1 
ATOM   427 C  C   . ASP A 1 56 ? -10.454 -4.110  -3.921  1.00 49.51 ? 133 ASP A C   1 
ATOM   428 O  O   . ASP A 1 56 ? -10.396 -3.687  -5.080  1.00 54.85 ? 133 ASP A O   1 
ATOM   429 C  CB  . ASP A 1 56 ? -12.048 -2.419  -2.966  1.00 45.35 ? 133 ASP A CB  1 
ATOM   430 C  CG  . ASP A 1 56 ? -11.069 -1.633  -2.086  1.00 52.13 ? 133 ASP A CG  1 
ATOM   431 O  OD1 . ASP A 1 56 ? -10.232 -2.208  -1.314  1.00 41.69 ? 133 ASP A OD1 1 
ATOM   432 O  OD2 . ASP A 1 56 ? -11.181 -0.378  -2.150  1.00 45.23 ? 133 ASP A OD2 1 
ATOM   433 N  N   . GLY A 1 57 ? -9.444  -4.768  -3.348  1.00 46.34 ? 134 GLY A N   1 
ATOM   434 C  CA  . GLY A 1 57 ? -8.226  -5.008  -4.099  1.00 41.97 ? 134 GLY A CA  1 
ATOM   435 C  C   . GLY A 1 57 ? -7.175  -3.923  -3.895  1.00 39.63 ? 134 GLY A C   1 
ATOM   436 O  O   . GLY A 1 57 ? -6.068  -4.018  -4.451  1.00 41.35 ? 134 GLY A O   1 
ATOM   437 N  N   . GLN A 1 58 ? -7.521  -2.910  -3.107  1.00 37.19 ? 135 GLN A N   1 
ATOM   438 C  CA  . GLN A 1 58 ? -6.577  -1.818  -2.831  1.00 37.94 ? 135 GLN A CA  1 
ATOM   439 C  C   . GLN A 1 58 ? -6.565  -1.434  -1.355  1.00 37.00 ? 135 GLN A C   1 
ATOM   440 O  O   . GLN A 1 58 ? -7.415  -1.854  -0.580  1.00 37.16 ? 135 GLN A O   1 
ATOM   441 C  CB  . GLN A 1 58 ? -6.889  -0.608  -3.732  1.00 37.57 ? 135 GLN A CB  1 
ATOM   442 C  CG  . GLN A 1 58 ? -8.329  -0.167  -3.734  1.00 45.93 ? 135 GLN A CG  1 
ATOM   443 C  CD  . GLN A 1 58 ? -8.683  0.719   -4.938  1.00 50.72 ? 135 GLN A CD  1 
ATOM   444 O  OE1 . GLN A 1 58 ? -7.861  0.930   -5.829  1.00 49.47 ? 135 GLN A OE1 1 
ATOM   445 N  NE2 . GLN A 1 58 ? -9.914  1.238   -4.956  1.00 58.26 ? 135 GLN A NE2 1 
ATOM   446 N  N   . VAL A 1 59 ? -5.588  -0.644  -0.958  1.00 30.92 ? 136 VAL A N   1 
ATOM   447 C  CA  . VAL A 1 59 ? -5.458  -0.278  0.442   1.00 30.21 ? 136 VAL A CA  1 
ATOM   448 C  C   . VAL A 1 59 ? -5.841  1.171   0.708   1.00 33.62 ? 136 VAL A C   1 
ATOM   449 O  O   . VAL A 1 59 ? -5.199  2.091   0.165   1.00 32.14 ? 136 VAL A O   1 
ATOM   450 C  CB  . VAL A 1 59 ? -4.011  -0.516  0.905   1.00 31.53 ? 136 VAL A CB  1 
ATOM   451 C  CG1 . VAL A 1 59 ? -3.843  -0.147  2.402   1.00 36.70 ? 136 VAL A CG1 1 
ATOM   452 C  CG2 . VAL A 1 59 ? -3.638  -1.986  0.661   1.00 35.57 ? 136 VAL A CG2 1 
ATOM   453 N  N   . ASN A 1 60 ? -6.876  1.385   1.523   1.00 34.60 ? 137 ASN A N   1 
ATOM   454 C  CA  . ASN A 1 60 ? -7.274  2.762   1.851   1.00 31.14 ? 137 ASN A CA  1 
ATOM   455 C  C   . ASN A 1 60 ? -6.556  3.223   3.132   1.00 36.38 ? 137 ASN A C   1 
ATOM   456 O  O   . ASN A 1 60 ? -5.717  2.495   3.717   1.00 36.07 ? 137 ASN A O   1 
ATOM   457 C  CB  . ASN A 1 60 ? -8.825  2.922   1.871   1.00 34.86 ? 137 ASN A CB  1 
ATOM   458 C  CG  . ASN A 1 60 ? -9.510  2.238   3.052   1.00 41.98 ? 137 ASN A CG  1 
ATOM   459 O  OD1 . ASN A 1 60 ? -8.866  1.843   4.013   1.00 37.14 ? 137 ASN A OD1 1 
ATOM   460 N  ND2 . ASN A 1 60 ? -10.833 2.152   2.991   1.00 43.36 ? 137 ASN A ND2 1 
ATOM   461 N  N   . TYR A 1 61 ? -6.806  4.457   3.551   1.00 34.19 ? 138 TYR A N   1 
ATOM   462 C  CA  . TYR A 1 61 ? -6.144  4.945   4.732   1.00 39.51 ? 138 TYR A CA  1 
ATOM   463 C  C   . TYR A 1 61 ? -6.415  4.138   6.032   1.00 36.99 ? 138 TYR A C   1 
ATOM   464 O  O   . TYR A 1 61 ? -5.485  3.821   6.769   1.00 41.88 ? 138 TYR A O   1 
ATOM   465 C  CB  . TYR A 1 61 ? -6.521  6.395   4.956   1.00 34.28 ? 138 TYR A CB  1 
ATOM   466 C  CG  . TYR A 1 61 ? -5.705  6.962   6.050   1.00 41.26 ? 138 TYR A CG  1 
ATOM   467 C  CD1 . TYR A 1 61 ? -4.324  6.993   5.934   1.00 43.64 ? 138 TYR A CD1 1 
ATOM   468 C  CD2 . TYR A 1 61 ? -6.291  7.471   7.203   1.00 40.85 ? 138 TYR A CD2 1 
ATOM   469 C  CE1 . TYR A 1 61 ? -3.527  7.525   6.935   1.00 47.32 ? 138 TYR A CE1 1 
ATOM   470 C  CE2 . TYR A 1 61 ? -5.503  7.998   8.210   1.00 41.68 ? 138 TYR A CE2 1 
ATOM   471 C  CZ  . TYR A 1 61 ? -4.123  8.027   8.068   1.00 47.63 ? 138 TYR A CZ  1 
ATOM   472 O  OH  . TYR A 1 61 ? -3.323  8.597   9.029   1.00 52.19 ? 138 TYR A OH  1 
ATOM   473 N  N   . GLU A 1 62 ? -7.676  3.811   6.268   1.00 39.36 ? 139 GLU A N   1 
ATOM   474 C  CA  . GLU A 1 62 ? -8.119  3.068   7.457   1.00 45.65 ? 139 GLU A CA  1 
ATOM   475 C  C   . GLU A 1 62 ? -7.431  1.704   7.534   1.00 49.48 ? 139 GLU A C   1 
ATOM   476 O  O   . GLU A 1 62 ? -7.011  1.269   8.614   1.00 50.37 ? 139 GLU A O   1 
ATOM   477 C  CB  . GLU A 1 62 ? -9.630  2.813   7.378   1.00 56.16 ? 139 GLU A CB  1 
ATOM   478 C  CG  . GLU A 1 62 ? -10.493 4.018   7.049   1.00 60.48 ? 139 GLU A CG  1 
ATOM   479 C  CD  . GLU A 1 62 ? -10.987 4.746   8.285   1.00 68.78 ? 139 GLU A CD  1 
ATOM   480 O  OE1 . GLU A 1 62 ? -10.187 5.474   8.918   1.00 75.10 ? 139 GLU A OE1 1 
ATOM   481 O  OE2 . GLU A 1 62 ? -12.182 4.584   8.627   1.00 73.13 ? 139 GLU A OE2 1 
ATOM   482 N  N   . GLU A 1 63 ? -7.355  1.030   6.382   1.00 50.58 ? 140 GLU A N   1 
ATOM   483 C  CA  . GLU A 1 63 ? -6.732  -0.303  6.254   1.00 46.92 ? 140 GLU A CA  1 
ATOM   484 C  C   . GLU A 1 63 ? -5.246  -0.216  6.445   1.00 40.29 ? 140 GLU A C   1 
ATOM   485 O  O   . GLU A 1 63 ? -4.636  -1.090  7.059   1.00 51.19 ? 140 GLU A O   1 
ATOM   486 C  CB  . GLU A 1 63 ? -7.016  -0.903  4.891   1.00 39.47 ? 140 GLU A CB  1 
ATOM   487 C  CG  . GLU A 1 63 ? -8.468  -1.132  4.687   1.00 39.49 ? 140 GLU A CG  1 
ATOM   488 C  CD  . GLU A 1 63 ? -8.811  -1.596  3.306   1.00 46.49 ? 140 GLU A CD  1 
ATOM   489 O  OE1 . GLU A 1 63 ? -8.066  -1.290  2.329   1.00 46.04 ? 140 GLU A OE1 1 
ATOM   490 O  OE2 . GLU A 1 63 ? -9.865  -2.246  3.171   1.00 47.81 ? 140 GLU A OE2 1 
ATOM   491 N  N   . PHE A 1 64 ? -4.662  0.847   5.915   1.00 41.60 ? 141 PHE A N   1 
ATOM   492 C  CA  . PHE A 1 64 ? -3.243  1.073   6.047   1.00 40.54 ? 141 PHE A CA  1 
ATOM   493 C  C   . PHE A 1 64 ? -2.846  1.232   7.525   1.00 48.13 ? 141 PHE A C   1 
ATOM   494 O  O   . PHE A 1 64 ? -1.899  0.571   7.984   1.00 50.27 ? 141 PHE A O   1 
ATOM   495 C  CB  . PHE A 1 64 ? -2.838  2.333   5.272   1.00 36.86 ? 141 PHE A CB  1 
ATOM   496 C  CG  . PHE A 1 64 ? -1.354  2.597   5.239   1.00 37.26 ? 141 PHE A CG  1 
ATOM   497 C  CD1 . PHE A 1 64 ? -0.496  1.791   4.486   1.00 40.28 ? 141 PHE A CD1 1 
ATOM   498 C  CD2 . PHE A 1 64 ? -0.818  3.692   5.907   1.00 40.02 ? 141 PHE A CD2 1 
ATOM   499 C  CE1 . PHE A 1 64 ? 0.864   2.091   4.407   1.00 39.05 ? 141 PHE A CE1 1 
ATOM   500 C  CE2 . PHE A 1 64 ? 0.539   3.993   5.831   1.00 44.06 ? 141 PHE A CE2 1 
ATOM   501 C  CZ  . PHE A 1 64 ? 1.381   3.193   5.079   1.00 47.69 ? 141 PHE A CZ  1 
ATOM   502 N  N   . VAL A 1 65 ? -3.533  2.110   8.259   1.00 45.17 ? 142 VAL A N   1 
ATOM   503 C  CA  . VAL A 1 65 ? -3.213  2.312   9.679   1.00 49.41 ? 142 VAL A CA  1 
ATOM   504 C  C   . VAL A 1 65 ? -3.318  1.002   10.470  1.00 49.19 ? 142 VAL A C   1 
ATOM   505 O  O   . VAL A 1 65 ? -2.449  0.703   11.279  1.00 52.81 ? 142 VAL A O   1 
ATOM   506 C  CB  . VAL A 1 65 ? -4.128  3.382   10.330  1.00 54.47 ? 142 VAL A CB  1 
ATOM   507 C  CG1 . VAL A 1 65 ? -3.927  4.722   9.633   1.00 50.27 ? 142 VAL A CG1 1 
ATOM   508 C  CG2 . VAL A 1 65 ? -5.586  2.939   10.262  1.00 54.23 ? 142 VAL A CG2 1 
ATOM   509 N  N   . GLN A 1 66 ? -4.360  0.205   10.222  1.00 50.28 ? 143 GLN A N   1 
ATOM   510 C  CA  . GLN A 1 66 ? -4.527  -1.078  10.912  1.00 55.56 ? 143 GLN A CA  1 
ATOM   511 C  C   . GLN A 1 66 ? -3.321  -1.923  10.656  1.00 63.40 ? 143 GLN A C   1 
ATOM   512 O  O   . GLN A 1 66 ? -2.776  -2.555  11.565  1.00 64.50 ? 143 GLN A O   1 
ATOM   513 C  CB  . GLN A 1 66 ? -5.764  -1.812  10.414  1.00 57.01 ? 143 GLN A CB  1 
ATOM   514 C  CG  . GLN A 1 66 ? -7.031  -1.147  10.890  1.00 63.29 ? 143 GLN A CG  1 
ATOM   515 C  CD  . GLN A 1 66 ? -7.130  -1.100  12.418  1.00 71.56 ? 143 GLN A CD  1 
ATOM   516 O  OE1 . GLN A 1 66 ? -6.177  -0.713  13.118  1.00 71.00 ? 143 GLN A OE1 1 
ATOM   517 N  NE2 . GLN A 1 66 ? -8.293  -1.490  12.943  1.00 76.88 ? 143 GLN A NE2 1 
ATOM   518 N  N   . MET A 1 67 ? -2.922  -1.903  9.383   1.00 63.04 ? 144 MET A N   1 
ATOM   519 C  CA  . MET A 1 67 ? -1.756  -2.647  8.940   1.00 64.67 ? 144 MET A CA  1 
ATOM   520 C  C   . MET A 1 67 ? -0.499  -2.182  9.687   1.00 63.24 ? 144 MET A C   1 
ATOM   521 O  O   . MET A 1 67 ? 0.491   -2.916  9.770   1.00 67.31 ? 144 MET A O   1 
ATOM   522 C  CB  . MET A 1 67 ? -1.542  -2.446  7.438   1.00 65.11 ? 144 MET A CB  1 
ATOM   523 C  CG  . MET A 1 67 ? -0.551  -3.421  6.816   1.00 66.80 ? 144 MET A CG  1 
ATOM   524 S  SD  . MET A 1 67 ? -0.134  -2.978  5.117   1.00 73.71 ? 144 MET A SD  1 
ATOM   525 C  CE  . MET A 1 67 ? -1.554  -1.984  4.633   1.00 58.58 ? 144 MET A CE  1 
ATOM   526 N  N   . MET A 1 68 ? -0.530  -0.967  10.231  1.00 63.50 ? 145 MET A N   1 
ATOM   527 C  CA  . MET A 1 68 ? 0.649   -0.486  10.959  1.00 67.44 ? 145 MET A CA  1 
ATOM   528 C  C   . MET A 1 68 ? 0.455   0.025   12.396  1.00 68.98 ? 145 MET A C   1 
ATOM   529 O  O   . MET A 1 68 ? 0.908   -0.666  13.340  1.00 70.26 ? 145 MET A O   1 
ATOM   530 C  CB  . MET A 1 68 ? 1.346   0.580   10.135  1.00 64.57 ? 145 MET A CB  1 
ATOM   531 C  CG  . MET A 1 68 ? 1.829   0.058   8.803   1.00 65.61 ? 145 MET A CG  1 
ATOM   532 S  SD  . MET A 1 68 ? 2.860   1.291   8.057   1.00 78.85 ? 145 MET A SD  1 
ATOM   533 C  CE  . MET A 1 68 ? 4.337   0.338   7.589   1.00 70.56 ? 145 MET A CE  1 
HETATM 534 CA CA  . CA  B 2 .  ? -3.417  5.760   -5.497  1.00 29.96 ? 201 CA  A CA  1 
HETATM 535 CA CA  . CA  C 2 .  ? -9.411  -2.091  0.679   1.00 41.87 ? 202 CA  A CA  1 
HETATM 536 O  O   . HOH D 3 .  ? -10.112 0.214   0.368   1.00 38.35 ? 301 HOH A O   1 
HETATM 537 O  O   . HOH D 3 .  ? -8.082  6.470   1.936   1.00 34.78 ? 302 HOH A O   1 
HETATM 538 O  O   . HOH D 3 .  ? -2.350  -12.815 2.328   1.00 37.87 ? 303 HOH A O   1 
HETATM 539 O  O   . HOH D 3 .  ? -2.234  10.598  4.305   1.00 39.11 ? 304 HOH A O   1 
HETATM 540 O  O   . HOH D 3 .  ? -4.400  4.357   -7.361  1.00 40.82 ? 305 HOH A O   1 
HETATM 541 O  O   . HOH D 3 .  ? 6.947   -11.758 0.284   1.00 37.61 ? 306 HOH A O   1 
HETATM 542 O  O   . HOH D 3 .  ? -0.422  5.714   -9.306  1.00 43.05 ? 307 HOH A O   1 
HETATM 543 O  O   . HOH D 3 .  ? 6.068   -15.014 -7.692  1.00 43.68 ? 308 HOH A O   1 
HETATM 544 O  O   . HOH D 3 .  ? -2.492  3.005   -9.480  1.00 40.97 ? 309 HOH A O   1 
HETATM 545 O  O   . HOH D 3 .  ? -6.760  3.291   -7.283  1.00 41.14 ? 310 HOH A O   1 
HETATM 546 O  O   . HOH D 3 .  ? -4.957  -2.563  -6.780  1.00 44.25 ? 311 HOH A O   1 
HETATM 547 O  O   . HOH D 3 .  ? -1.098  -14.239 -3.999  1.00 35.46 ? 312 HOH A O   1 
HETATM 548 O  O   . HOH D 3 .  ? 17.819  -1.052  -3.640  1.00 45.79 ? 313 HOH A O   1 
HETATM 549 O  O   . HOH D 3 .  ? 14.191  -3.877  -8.191  1.00 48.89 ? 314 HOH A O   1 
HETATM 550 O  O   . HOH D 3 .  ? -13.145 3.450   0.782   1.00 52.72 ? 315 HOH A O   1 
HETATM 551 O  O   . HOH D 3 .  ? 10.435  -10.236 -3.090  1.00 49.57 ? 316 HOH A O   1 
HETATM 552 O  O   . HOH D 3 .  ? 1.943   -13.090 -11.368 1.00 61.17 ? 317 HOH A O   1 
HETATM 553 O  O   . HOH D 3 .  ? 10.892  6.045   -10.675 1.00 57.09 ? 318 HOH A O   1 
HETATM 554 O  O   . HOH D 3 .  ? -7.799  -8.238  -2.082  1.00 53.03 ? 319 HOH A O   1 
HETATM 555 O  O   . HOH D 3 .  ? 7.712   -12.655 -6.383  1.00 41.37 ? 320 HOH A O   1 
HETATM 556 O  O   . HOH D 3 .  ? -4.750  13.844  -2.330  1.00 43.48 ? 321 HOH A O   1 
HETATM 557 O  O   . HOH D 3 .  ? -5.737  -11.852 -4.151  1.00 53.12 ? 322 HOH A O   1 
HETATM 558 O  O   . HOH D 3 .  ? 10.336  -6.443  -9.322  1.00 55.67 ? 323 HOH A O   1 
HETATM 559 O  O   . HOH D 3 .  ? -8.642  7.948   -8.950  1.00 47.63 ? 324 HOH A O   1 
HETATM 560 O  O   . HOH D 3 .  ? -10.127 5.001   4.501   1.00 53.10 ? 325 HOH A O   1 
HETATM 561 O  O   . HOH D 3 .  ? 18.258  0.410   -5.817  1.00 59.68 ? 326 HOH A O   1 
HETATM 562 O  O   . HOH D 3 .  ? -4.958  -8.731  -3.387  1.00 48.18 ? 327 HOH A O   1 
HETATM 563 O  O   . HOH D 3 .  ? -0.939  14.001  11.532  1.00 53.52 ? 328 HOH A O   1 
HETATM 564 O  O   . HOH D 3 .  ? -6.132  1.562   -9.719  1.00 50.68 ? 329 HOH A O   1 
HETATM 565 O  O   . HOH D 3 .  ? 2.697   15.435  -0.491  1.00 58.18 ? 330 HOH A O   1 
HETATM 566 O  O   . HOH D 3 .  ? -6.157  -3.618  7.274   1.00 48.06 ? 331 HOH A O   1 
HETATM 567 O  O   . HOH D 3 .  ? -9.073  -2.505  -6.960  1.00 61.81 ? 332 HOH A O   1 
HETATM 568 O  O   . HOH D 3 .  ? -13.822 0.849   -1.431  1.00 59.99 ? 333 HOH A O   1 
HETATM 569 O  O   . HOH D 3 .  ? 3.973   4.199   -5.737  1.00 56.59 ? 334 HOH A O   1 
HETATM 570 O  O   . HOH D 3 .  ? -8.866  -9.783  1.754   1.00 53.31 ? 335 HOH A O   1 
HETATM 571 O  O   . HOH D 3 .  ? 4.163   -0.329  -11.012 1.00 62.01 ? 336 HOH A O   1 
HETATM 572 O  O   . HOH D 3 .  ? -2.999  -1.762  -9.985  1.00 50.20 ? 337 HOH A O   1 
HETATM 573 O  O   . HOH D 3 .  ? 3.411   11.796  -7.499  1.00 60.10 ? 338 HOH A O   1 
HETATM 574 O  O   . HOH D 3 .  ? -2.396  0.598   14.101  1.00 61.22 ? 339 HOH A O   1 
HETATM 575 O  O   . HOH D 3 .  ? 4.675   -14.655 -11.663 1.00 60.07 ? 340 HOH A O   1 
# 
loop_
_pdbx_poly_seq_scheme.asym_id 
_pdbx_poly_seq_scheme.entity_id 
_pdbx_poly_seq_scheme.seq_id 
_pdbx_poly_seq_scheme.mon_id 
_pdbx_poly_seq_scheme.ndb_seq_num 
_pdbx_poly_seq_scheme.pdb_seq_num 
_pdbx_poly_seq_scheme.auth_seq_num 
_pdbx_poly_seq_scheme.pdb_mon_id 
_pdbx_poly_seq_scheme.auth_mon_id 
_pdbx_poly_seq_scheme.pdb_strand_id 
_pdbx_poly_seq_scheme.pdb_ins_code 
_pdbx_poly_seq_scheme.hetero 
A 1 1  ASP 1  78  ?   ?   ?   A . n 
A 1 2  THR 2  79  ?   ?   ?   A . n 
A 1 3  ASP 3  80  ?   ?   ?   A . n 
A 1 4  SER 4  81  81  SER SER A . n 
A 1 5  GLU 5  82  82  GLU GLU A . n 
A 1 6  GLU 6  83  83  GLU GLU A . n 
A 1 7  GLU 7  84  84  GLU GLU A . n 
A 1 8  ILE 8  85  85  ILE ILE A . n 
A 1 9  ARG 9  86  86  ARG ARG A . n 
A 1 10 GLU 10 87  87  GLU GLU A . n 
A 1 11 ALA 11 88  88  ALA ALA A . n 
A 1 12 PHE 12 89  89  PHE PHE A . n 
A 1 13 ARG 13 90  90  ARG ARG A . n 
A 1 14 VAL 14 91  91  VAL VAL A . n 
A 1 15 PHE 15 92  92  PHE PHE A . n 
A 1 16 ASP 16 93  93  ASP ASP A . n 
A 1 17 LYS 17 94  94  LYS LYS A . n 
A 1 18 ASP 18 95  95  ASP ASP A . n 
A 1 19 GLY 19 96  96  GLY GLY A . n 
A 1 20 ASN 20 97  97  ASN ASN A . n 
A 1 21 GLY 21 98  98  GLY GLY A . n 
A 1 22 TYR 22 99  99  TYR TYR A . n 
A 1 23 ILE 23 100 100 ILE ILE A . n 
A 1 24 SER 24 101 101 SER SER A . n 
A 1 25 ALA 25 102 102 ALA ALA A . n 
A 1 26 ALA 26 103 103 ALA ALA A . n 
A 1 27 GLU 27 104 104 GLU GLU A . n 
A 1 28 LEU 28 105 105 LEU LEU A . n 
A 1 29 ARG 29 106 106 ARG ARG A . n 
A 1 30 HIS 30 107 107 HIS HIS A . n 
A 1 31 VAL 31 108 108 VAL VAL A . n 
A 1 32 MET 32 109 109 MET MET A . n 
A 1 33 THR 33 110 110 THR THR A . n 
A 1 34 ASN 34 111 111 ASN ASN A . n 
A 1 35 LEU 35 112 112 LEU LEU A . n 
A 1 36 GLY 36 113 113 GLY GLY A . n 
A 1 37 GLU 37 114 114 GLU GLU A . n 
A 1 38 LYS 38 115 115 LYS LYS A . n 
A 1 39 LEU 39 116 116 LEU LEU A . n 
A 1 40 THR 40 117 117 THR THR A . n 
A 1 41 ASP 41 118 118 ASP ASP A . n 
A 1 42 GLU 42 119 119 GLU GLU A . n 
A 1 43 GLU 43 120 120 GLU GLU A . n 
A 1 44 VAL 44 121 121 VAL VAL A . n 
A 1 45 ASP 45 122 122 ASP ASP A . n 
A 1 46 GLU 46 123 123 GLU GLU A . n 
A 1 47 MET 47 124 124 MET MET A . n 
A 1 48 ILE 48 125 125 ILE ILE A . n 
A 1 49 ARG 49 126 126 ARG ARG A . n 
A 1 50 GLU 50 127 127 GLU GLU A . n 
A 1 51 ALA 51 128 128 ALA ALA A . n 
A 1 52 ASP 52 129 129 ASP ASP A . n 
A 1 53 ILE 53 130 130 ILE ILE A . n 
A 1 54 ASP 54 131 131 ASP ASP A . n 
A 1 55 GLY 55 132 132 GLY GLY A . n 
A 1 56 ASP 56 133 133 ASP ASP A . n 
A 1 57 GLY 57 134 134 GLY GLY A . n 
A 1 58 GLN 58 135 135 GLN GLN A . n 
A 1 59 VAL 59 136 136 VAL VAL A . n 
A 1 60 ASN 60 137 137 ASN ASN A . n 
A 1 61 TYR 61 138 138 TYR TYR A . n 
A 1 62 GLU 62 139 139 GLU GLU A . n 
A 1 63 GLU 63 140 140 GLU GLU A . n 
A 1 64 PHE 64 141 141 PHE PHE A . n 
A 1 65 VAL 65 142 142 VAL VAL A . n 
A 1 66 GLN 66 143 143 GLN GLN A . n 
A 1 67 MET 67 144 144 MET MET A . n 
A 1 68 MET 68 145 145 MET MET A . n 
A 1 69 THR 69 146 ?   ?   ?   A . n 
A 1 70 ALA 70 147 ?   ?   ?   A . n 
A 1 71 LYS 71 148 ?   ?   ?   A . n 
# 
loop_
_pdbx_nonpoly_scheme.asym_id 
_pdbx_nonpoly_scheme.entity_id 
_pdbx_nonpoly_scheme.mon_id 
_pdbx_nonpoly_scheme.ndb_seq_num 
_pdbx_nonpoly_scheme.pdb_seq_num 
_pdbx_nonpoly_scheme.auth_seq_num 
_pdbx_nonpoly_scheme.pdb_mon_id 
_pdbx_nonpoly_scheme.auth_mon_id 
_pdbx_nonpoly_scheme.pdb_strand_id 
_pdbx_nonpoly_scheme.pdb_ins_code 
B 2 CA  1  201 201 CA  CA  A . 
C 2 CA  1  202 202 CA  CA  A . 
D 3 HOH 1  301 301 HOH HOH A . 
D 3 HOH 2  302 302 HOH HOH A . 
D 3 HOH 3  303 303 HOH HOH A . 
D 3 HOH 4  304 304 HOH HOH A . 
D 3 HOH 5  305 305 HOH HOH A . 
D 3 HOH 6  306 306 HOH HOH A . 
D 3 HOH 7  307 307 HOH HOH A . 
D 3 HOH 8  308 308 HOH HOH A . 
D 3 HOH 9  309 309 HOH HOH A . 
D 3 HOH 10 310 310 HOH HOH A . 
D 3 HOH 11 311 311 HOH HOH A . 
D 3 HOH 12 312 312 HOH HOH A . 
D 3 HOH 13 313 313 HOH HOH A . 
D 3 HOH 14 314 314 HOH HOH A . 
D 3 HOH 15 315 315 HOH HOH A . 
D 3 HOH 16 316 316 HOH HOH A . 
D 3 HOH 17 317 317 HOH HOH A . 
D 3 HOH 18 318 318 HOH HOH A . 
D 3 HOH 19 319 319 HOH HOH A . 
D 3 HOH 20 320 320 HOH HOH A . 
D 3 HOH 21 321 321 HOH HOH A . 
D 3 HOH 22 322 322 HOH HOH A . 
D 3 HOH 23 323 323 HOH HOH A . 
D 3 HOH 24 324 324 HOH HOH A . 
D 3 HOH 25 325 325 HOH HOH A . 
D 3 HOH 26 326 326 HOH HOH A . 
D 3 HOH 27 327 327 HOH HOH A . 
D 3 HOH 28 328 328 HOH HOH A . 
D 3 HOH 29 329 329 HOH HOH A . 
D 3 HOH 30 330 330 HOH HOH A . 
D 3 HOH 31 331 331 HOH HOH A . 
D 3 HOH 32 332 332 HOH HOH A . 
D 3 HOH 33 333 333 HOH HOH A . 
D 3 HOH 34 334 334 HOH HOH A . 
D 3 HOH 35 335 335 HOH HOH A . 
D 3 HOH 36 336 336 HOH HOH A . 
D 3 HOH 37 337 337 HOH HOH A . 
D 3 HOH 38 338 338 HOH HOH A . 
D 3 HOH 39 339 339 HOH HOH A . 
D 3 HOH 40 340 340 HOH HOH A . 
# 
_pdbx_struct_assembly.id                   1 
_pdbx_struct_assembly.details              author_defined_assembly 
_pdbx_struct_assembly.method_details       ? 
_pdbx_struct_assembly.oligomeric_details   monomeric 
_pdbx_struct_assembly.oligomeric_count     1 
# 
_pdbx_struct_assembly_gen.assembly_id       1 
_pdbx_struct_assembly_gen.oper_expression   1 
_pdbx_struct_assembly_gen.asym_id_list      A,B,C,D 
# 
_pdbx_struct_oper_list.id                   1 
_pdbx_struct_oper_list.type                 'identity operation' 
_pdbx_struct_oper_list.name                 1_555 
_pdbx_struct_oper_list.symmetry_operation   x,y,z 
_pdbx_struct_oper_list.matrix[1][1]         1.0000000000 
_pdbx_struct_oper_list.matrix[1][2]         0.0000000000 
_pdbx_struct_oper_list.matrix[1][3]         0.0000000000 
_pdbx_struct_oper_list.vector[1]            0.0000000000 
_pdbx_struct_oper_list.matrix[2][1]         0.0000000000 
_pdbx_struct_oper_list.matrix[2][2]         1.0000000000 
_pdbx_struct_oper_list.matrix[2][3]         0.0000000000 
_pdbx_struct_oper_list.vector[2]            0.0000000000 
_pdbx_struct_oper_list.matrix[3][1]         0.0000000000 
_pdbx_struct_oper_list.matrix[3][2]         0.0000000000 
_pdbx_struct_oper_list.matrix[3][3]         1.0000000000 
_pdbx_struct_oper_list.vector[3]            0.0000000000 
# 
loop_
_pdbx_struct_conn_angle.id 
_pdbx_struct_conn_angle.ptnr1_label_atom_id 
_pdbx_struct_conn_angle.ptnr1_label_alt_id 
_pdbx_struct_conn_angle.ptnr1_label_asym_id 
_pdbx_struct_conn_angle.ptnr1_label_comp_id 
_pdbx_struct_conn_angle.ptnr1_label_seq_id 
_pdbx_struct_conn_angle.ptnr1_auth_atom_id 
_pdbx_struct_conn_angle.ptnr1_auth_asym_id 
_pdbx_struct_conn_angle.ptnr1_auth_comp_id 
_pdbx_struct_conn_angle.ptnr1_auth_seq_id 
_pdbx_struct_conn_angle.ptnr1_PDB_ins_code 
_pdbx_struct_conn_angle.ptnr1_symmetry 
_pdbx_struct_conn_angle.ptnr2_label_atom_id 
_pdbx_struct_conn_angle.ptnr2_label_alt_id 
_pdbx_struct_conn_angle.ptnr2_label_asym_id 
_pdbx_struct_conn_angle.ptnr2_label_comp_id 
_pdbx_struct_conn_angle.ptnr2_label_seq_id 
_pdbx_struct_conn_angle.ptnr2_auth_atom_id 
_pdbx_struct_conn_angle.ptnr2_auth_asym_id 
_pdbx_struct_conn_angle.ptnr2_auth_comp_id 
_pdbx_struct_conn_angle.ptnr2_auth_seq_id 
_pdbx_struct_conn_angle.ptnr2_PDB_ins_code 
_pdbx_struct_conn_angle.ptnr2_symmetry 
_pdbx_struct_conn_angle.ptnr3_label_atom_id 
_pdbx_struct_conn_angle.ptnr3_label_alt_id 
_pdbx_struct_conn_angle.ptnr3_label_asym_id 
_pdbx_struct_conn_angle.ptnr3_label_comp_id 
_pdbx_struct_conn_angle.ptnr3_label_seq_id 
_pdbx_struct_conn_angle.ptnr3_auth_atom_id 
_pdbx_struct_conn_angle.ptnr3_auth_asym_id 
_pdbx_struct_conn_angle.ptnr3_auth_comp_id 
_pdbx_struct_conn_angle.ptnr3_auth_seq_id 
_pdbx_struct_conn_angle.ptnr3_PDB_ins_code 
_pdbx_struct_conn_angle.ptnr3_symmetry 
_pdbx_struct_conn_angle.value 
_pdbx_struct_conn_angle.value_esd 
1  OD1 ? A ASP 16 ? A ASP 93  ? 1_555 CA ? B CA . ? A CA 201 ? 1_555 OD1 ? A ASP 18 ? A ASP 95  ? 1_555 83.6  ? 
2  OD1 ? A ASP 16 ? A ASP 93  ? 1_555 CA ? B CA . ? A CA 201 ? 1_555 OD1 ? A ASN 20 ? A ASN 97  ? 1_555 94.9  ? 
3  OD1 ? A ASP 18 ? A ASP 95  ? 1_555 CA ? B CA . ? A CA 201 ? 1_555 OD1 ? A ASN 20 ? A ASN 97  ? 1_555 79.9  ? 
4  OD1 ? A ASP 16 ? A ASP 93  ? 1_555 CA ? B CA . ? A CA 201 ? 1_555 O   ? A TYR 22 ? A TYR 99  ? 1_555 88.7  ? 
5  OD1 ? A ASP 18 ? A ASP 95  ? 1_555 CA ? B CA . ? A CA 201 ? 1_555 O   ? A TYR 22 ? A TYR 99  ? 1_555 159.1 ? 
6  OD1 ? A ASN 20 ? A ASN 97  ? 1_555 CA ? B CA . ? A CA 201 ? 1_555 O   ? A TYR 22 ? A TYR 99  ? 1_555 81.4  ? 
7  OD1 ? A ASP 16 ? A ASP 93  ? 1_555 CA ? B CA . ? A CA 201 ? 1_555 OE2 ? A GLU 27 ? A GLU 104 ? 1_555 97.8  ? 
8  OD1 ? A ASP 18 ? A ASP 95  ? 1_555 CA ? B CA . ? A CA 201 ? 1_555 OE2 ? A GLU 27 ? A GLU 104 ? 1_555 72.8  ? 
9  OD1 ? A ASN 20 ? A ASN 97  ? 1_555 CA ? B CA . ? A CA 201 ? 1_555 OE2 ? A GLU 27 ? A GLU 104 ? 1_555 148.2 ? 
10 O   ? A TYR 22 ? A TYR 99  ? 1_555 CA ? B CA . ? A CA 201 ? 1_555 OE2 ? A GLU 27 ? A GLU 104 ? 1_555 127.8 ? 
11 OD1 ? A ASP 16 ? A ASP 93  ? 1_555 CA ? B CA . ? A CA 201 ? 1_555 OE1 ? A GLU 27 ? A GLU 104 ? 1_555 101.9 ? 
12 OD1 ? A ASP 18 ? A ASP 95  ? 1_555 CA ? B CA . ? A CA 201 ? 1_555 OE1 ? A GLU 27 ? A GLU 104 ? 1_555 124.2 ? 
13 OD1 ? A ASN 20 ? A ASN 97  ? 1_555 CA ? B CA . ? A CA 201 ? 1_555 OE1 ? A GLU 27 ? A GLU 104 ? 1_555 151.7 ? 
14 O   ? A TYR 22 ? A TYR 99  ? 1_555 CA ? B CA . ? A CA 201 ? 1_555 OE1 ? A GLU 27 ? A GLU 104 ? 1_555 76.4  ? 
15 OE2 ? A GLU 27 ? A GLU 104 ? 1_555 CA ? B CA . ? A CA 201 ? 1_555 OE1 ? A GLU 27 ? A GLU 104 ? 1_555 51.4  ? 
16 OD1 ? A ASP 16 ? A ASP 93  ? 1_555 CA ? B CA . ? A CA 201 ? 1_555 O   ? D HOH .  ? A HOH 305 ? 1_555 172.6 ? 
17 OD1 ? A ASP 18 ? A ASP 95  ? 1_555 CA ? B CA . ? A CA 201 ? 1_555 O   ? D HOH .  ? A HOH 305 ? 1_555 89.7  ? 
18 OD1 ? A ASN 20 ? A ASN 97  ? 1_555 CA ? B CA . ? A CA 201 ? 1_555 O   ? D HOH .  ? A HOH 305 ? 1_555 80.7  ? 
19 O   ? A TYR 22 ? A TYR 99  ? 1_555 CA ? B CA . ? A CA 201 ? 1_555 O   ? D HOH .  ? A HOH 305 ? 1_555 96.5  ? 
20 OE2 ? A GLU 27 ? A GLU 104 ? 1_555 CA ? B CA . ? A CA 201 ? 1_555 O   ? D HOH .  ? A HOH 305 ? 1_555 83.2  ? 
21 OE1 ? A GLU 27 ? A GLU 104 ? 1_555 CA ? B CA . ? A CA 201 ? 1_555 O   ? D HOH .  ? A HOH 305 ? 1_555 84.5  ? 
22 OD1 ? A ASP 52 ? A ASP 129 ? 1_555 CA ? C CA . ? A CA 202 ? 1_555 OD1 ? A ASP 54 ? A ASP 131 ? 1_555 81.7  ? 
23 OD1 ? A ASP 52 ? A ASP 129 ? 1_555 CA ? C CA . ? A CA 202 ? 1_555 OD1 ? A ASP 56 ? A ASP 133 ? 1_555 84.9  ? 
24 OD1 ? A ASP 54 ? A ASP 131 ? 1_555 CA ? C CA . ? A CA 202 ? 1_555 OD1 ? A ASP 56 ? A ASP 133 ? 1_555 71.9  ? 
25 OD1 ? A ASP 52 ? A ASP 129 ? 1_555 CA ? C CA . ? A CA 202 ? 1_555 O   ? A GLN 58 ? A GLN 135 ? 1_555 87.0  ? 
26 OD1 ? A ASP 54 ? A ASP 131 ? 1_555 CA ? C CA . ? A CA 202 ? 1_555 O   ? A GLN 58 ? A GLN 135 ? 1_555 151.0 ? 
27 OD1 ? A ASP 56 ? A ASP 133 ? 1_555 CA ? C CA . ? A CA 202 ? 1_555 O   ? A GLN 58 ? A GLN 135 ? 1_555 80.5  ? 
28 OD1 ? A ASP 52 ? A ASP 129 ? 1_555 CA ? C CA . ? A CA 202 ? 1_555 OE1 ? A GLU 63 ? A GLU 140 ? 1_555 109.9 ? 
29 OD1 ? A ASP 54 ? A ASP 131 ? 1_555 CA ? C CA . ? A CA 202 ? 1_555 OE1 ? A GLU 63 ? A GLU 140 ? 1_555 127.5 ? 
30 OD1 ? A ASP 56 ? A ASP 133 ? 1_555 CA ? C CA . ? A CA 202 ? 1_555 OE1 ? A GLU 63 ? A GLU 140 ? 1_555 156.0 ? 
31 O   ? A GLN 58 ? A GLN 135 ? 1_555 CA ? C CA . ? A CA 202 ? 1_555 OE1 ? A GLU 63 ? A GLU 140 ? 1_555 81.5  ? 
32 OD1 ? A ASP 52 ? A ASP 129 ? 1_555 CA ? C CA . ? A CA 202 ? 1_555 OE2 ? A GLU 63 ? A GLU 140 ? 1_555 92.8  ? 
33 OD1 ? A ASP 54 ? A ASP 131 ? 1_555 CA ? C CA . ? A CA 202 ? 1_555 OE2 ? A GLU 63 ? A GLU 140 ? 1_555 74.8  ? 
34 OD1 ? A ASP 56 ? A ASP 133 ? 1_555 CA ? C CA . ? A CA 202 ? 1_555 OE2 ? A GLU 63 ? A GLU 140 ? 1_555 146.6 ? 
35 O   ? A GLN 58 ? A GLN 135 ? 1_555 CA ? C CA . ? A CA 202 ? 1_555 OE2 ? A GLU 63 ? A GLU 140 ? 1_555 132.7 ? 
36 OE1 ? A GLU 63 ? A GLU 140 ? 1_555 CA ? C CA . ? A CA 202 ? 1_555 OE2 ? A GLU 63 ? A GLU 140 ? 1_555 54.2  ? 
37 OD1 ? A ASP 52 ? A ASP 129 ? 1_555 CA ? C CA . ? A CA 202 ? 1_555 O   ? D HOH .  ? A HOH 301 ? 1_555 164.2 ? 
38 OD1 ? A ASP 54 ? A ASP 131 ? 1_555 CA ? C CA . ? A CA 202 ? 1_555 O   ? D HOH .  ? A HOH 301 ? 1_555 89.5  ? 
39 OD1 ? A ASP 56 ? A ASP 133 ? 1_555 CA ? C CA . ? A CA 202 ? 1_555 O   ? D HOH .  ? A HOH 301 ? 1_555 79.8  ? 
40 O   ? A GLN 58 ? A GLN 135 ? 1_555 CA ? C CA . ? A CA 202 ? 1_555 O   ? D HOH .  ? A HOH 301 ? 1_555 94.6  ? 
41 OE1 ? A GLU 63 ? A GLU 140 ? 1_555 CA ? C CA . ? A CA 202 ? 1_555 O   ? D HOH .  ? A HOH 301 ? 1_555 86.0  ? 
42 OE2 ? A GLU 63 ? A GLU 140 ? 1_555 CA ? C CA . ? A CA 202 ? 1_555 O   ? D HOH .  ? A HOH 301 ? 1_555 97.6  ? 
# 
loop_
_pdbx_audit_revision_history.ordinal 
_pdbx_audit_revision_history.data_content_type 
_pdbx_audit_revision_history.major_revision 
_pdbx_audit_revision_history.minor_revision 
_pdbx_audit_revision_history.revision_date 
1 'Structure model' 1 0 2001-05-02 
2 'Structure model' 1 1 2008-04-27 
3 'Structure model' 1 2 2011-07-13 
4 'Structure model' 1 3 2018-03-07 
5 'Structure model' 1 4 2023-08-09 
# 
_pdbx_audit_revision_details.ordinal             1 
_pdbx_audit_revision_details.revision_ordinal    1 
_pdbx_audit_revision_details.data_content_type   'Structure model' 
_pdbx_audit_revision_details.provider            repository 
_pdbx_audit_revision_details.type                'Initial release' 
_pdbx_audit_revision_details.description         ? 
_pdbx_audit_revision_details.details             ? 
# 
loop_
_pdbx_audit_revision_group.ordinal 
_pdbx_audit_revision_group.revision_ordinal 
_pdbx_audit_revision_group.data_content_type 
_pdbx_audit_revision_group.group 
1 2 'Structure model' 'Version format compliance' 
2 3 'Structure model' 'Version format compliance' 
3 4 'Structure model' 'Data collection'           
4 5 'Structure model' 'Data collection'           
5 5 'Structure model' 'Database references'       
6 5 'Structure model' 'Derived calculations'      
7 5 'Structure model' 'Refinement description'    
# 
loop_
_pdbx_audit_revision_category.ordinal 
_pdbx_audit_revision_category.revision_ordinal 
_pdbx_audit_revision_category.data_content_type 
_pdbx_audit_revision_category.category 
1 4 'Structure model' diffrn_source                 
2 5 'Structure model' chem_comp_atom                
3 5 'Structure model' chem_comp_bond                
4 5 'Structure model' database_2                    
5 5 'Structure model' pdbx_initial_refinement_model 
6 5 'Structure model' pdbx_struct_conn_angle        
7 5 'Structure model' struct_conn                   
8 5 'Structure model' struct_site                   
# 
loop_
_pdbx_audit_revision_item.ordinal 
_pdbx_audit_revision_item.revision_ordinal 
_pdbx_audit_revision_item.data_content_type 
_pdbx_audit_revision_item.item 
1  4 'Structure model' '_diffrn_source.pdbx_synchrotron_site'        
2  5 'Structure model' '_database_2.pdbx_DOI'                        
3  5 'Structure model' '_database_2.pdbx_database_accession'         
4  5 'Structure model' '_pdbx_struct_conn_angle.ptnr1_auth_comp_id'  
5  5 'Structure model' '_pdbx_struct_conn_angle.ptnr1_auth_seq_id'   
6  5 'Structure model' '_pdbx_struct_conn_angle.ptnr1_label_asym_id' 
7  5 'Structure model' '_pdbx_struct_conn_angle.ptnr1_label_atom_id' 
8  5 'Structure model' '_pdbx_struct_conn_angle.ptnr1_label_comp_id' 
9  5 'Structure model' '_pdbx_struct_conn_angle.ptnr1_label_seq_id'  
10 5 'Structure model' '_pdbx_struct_conn_angle.ptnr3_auth_comp_id'  
11 5 'Structure model' '_pdbx_struct_conn_angle.ptnr3_auth_seq_id'   
12 5 'Structure model' '_pdbx_struct_conn_angle.ptnr3_label_asym_id' 
13 5 'Structure model' '_pdbx_struct_conn_angle.ptnr3_label_atom_id' 
14 5 'Structure model' '_pdbx_struct_conn_angle.ptnr3_label_comp_id' 
15 5 'Structure model' '_pdbx_struct_conn_angle.ptnr3_label_seq_id'  
16 5 'Structure model' '_pdbx_struct_conn_angle.value'               
17 5 'Structure model' '_struct_conn.pdbx_dist_value'                
18 5 'Structure model' '_struct_conn.ptnr1_auth_comp_id'             
19 5 'Structure model' '_struct_conn.ptnr1_auth_seq_id'              
20 5 'Structure model' '_struct_conn.ptnr1_label_asym_id'            
21 5 'Structure model' '_struct_conn.ptnr1_label_atom_id'            
22 5 'Structure model' '_struct_conn.ptnr1_label_comp_id'            
23 5 'Structure model' '_struct_conn.ptnr1_label_seq_id'             
24 5 'Structure model' '_struct_conn.ptnr2_auth_comp_id'             
25 5 'Structure model' '_struct_conn.ptnr2_auth_seq_id'              
26 5 'Structure model' '_struct_conn.ptnr2_label_asym_id'            
27 5 'Structure model' '_struct_conn.ptnr2_label_atom_id'            
28 5 'Structure model' '_struct_conn.ptnr2_label_comp_id'            
29 5 'Structure model' '_struct_conn.ptnr2_label_seq_id'             
30 5 'Structure model' '_struct_site.pdbx_auth_asym_id'              
31 5 'Structure model' '_struct_site.pdbx_auth_comp_id'              
32 5 'Structure model' '_struct_site.pdbx_auth_seq_id'               
# 
loop_
_software.name 
_software.classification 
_software.version 
_software.citation_id 
_software.pdbx_ordinal 
AMoRE     phasing          .   ? 1 
CNS       refinement       0.9 ? 2 
DENZO     'data reduction' .   ? 3 
SCALEPACK 'data scaling'   .   ? 4 
# 
_pdbx_validate_symm_contact.id                1 
_pdbx_validate_symm_contact.PDB_model_num     1 
_pdbx_validate_symm_contact.auth_atom_id_1    OE2 
_pdbx_validate_symm_contact.auth_asym_id_1    A 
_pdbx_validate_symm_contact.auth_comp_id_1    GLU 
_pdbx_validate_symm_contact.auth_seq_id_1     114 
_pdbx_validate_symm_contact.PDB_ins_code_1    ? 
_pdbx_validate_symm_contact.label_alt_id_1    ? 
_pdbx_validate_symm_contact.site_symmetry_1   1_555 
_pdbx_validate_symm_contact.auth_atom_id_2    OE2 
_pdbx_validate_symm_contact.auth_asym_id_2    A 
_pdbx_validate_symm_contact.auth_comp_id_2    GLU 
_pdbx_validate_symm_contact.auth_seq_id_2     114 
_pdbx_validate_symm_contact.PDB_ins_code_2    ? 
_pdbx_validate_symm_contact.label_alt_id_2    ? 
_pdbx_validate_symm_contact.site_symmetry_2   6_665 
_pdbx_validate_symm_contact.dist              1.77 
# 
loop_
_pdbx_unobs_or_zero_occ_residues.id 
_pdbx_unobs_or_zero_occ_residues.PDB_model_num 
_pdbx_unobs_or_zero_occ_residues.polymer_flag 
_pdbx_unobs_or_zero_occ_residues.occupancy_flag 
_pdbx_unobs_or_zero_occ_residues.auth_asym_id 
_pdbx_unobs_or_zero_occ_residues.auth_comp_id 
_pdbx_unobs_or_zero_occ_residues.auth_seq_id 
_pdbx_unobs_or_zero_occ_residues.PDB_ins_code 
_pdbx_unobs_or_zero_occ_residues.label_asym_id 
_pdbx_unobs_or_zero_occ_residues.label_comp_id 
_pdbx_unobs_or_zero_occ_residues.label_seq_id 
1 1 Y 1 A ASP 78  ? A ASP 1  
2 1 Y 1 A THR 79  ? A THR 2  
3 1 Y 1 A ASP 80  ? A ASP 3  
4 1 Y 1 A THR 146 ? A THR 69 
5 1 Y 1 A ALA 147 ? A ALA 70 
6 1 Y 1 A LYS 148 ? A LYS 71 
# 
loop_
_chem_comp_atom.comp_id 
_chem_comp_atom.atom_id 
_chem_comp_atom.type_symbol 
_chem_comp_atom.pdbx_aromatic_flag 
_chem_comp_atom.pdbx_stereo_config 
_chem_comp_atom.pdbx_ordinal 
ALA N    N  N N 1   
ALA CA   C  N S 2   
ALA C    C  N N 3   
ALA O    O  N N 4   
ALA CB   C  N N 5   
ALA OXT  O  N N 6   
ALA H    H  N N 7   
ALA H2   H  N N 8   
ALA HA   H  N N 9   
ALA HB1  H  N N 10  
ALA HB2  H  N N 11  
ALA HB3  H  N N 12  
ALA HXT  H  N N 13  
ARG N    N  N N 14  
ARG CA   C  N S 15  
ARG C    C  N N 16  
ARG O    O  N N 17  
ARG CB   C  N N 18  
ARG CG   C  N N 19  
ARG CD   C  N N 20  
ARG NE   N  N N 21  
ARG CZ   C  N N 22  
ARG NH1  N  N N 23  
ARG NH2  N  N N 24  
ARG OXT  O  N N 25  
ARG H    H  N N 26  
ARG H2   H  N N 27  
ARG HA   H  N N 28  
ARG HB2  H  N N 29  
ARG HB3  H  N N 30  
ARG HG2  H  N N 31  
ARG HG3  H  N N 32  
ARG HD2  H  N N 33  
ARG HD3  H  N N 34  
ARG HE   H  N N 35  
ARG HH11 H  N N 36  
ARG HH12 H  N N 37  
ARG HH21 H  N N 38  
ARG HH22 H  N N 39  
ARG HXT  H  N N 40  
ASN N    N  N N 41  
ASN CA   C  N S 42  
ASN C    C  N N 43  
ASN O    O  N N 44  
ASN CB   C  N N 45  
ASN CG   C  N N 46  
ASN OD1  O  N N 47  
ASN ND2  N  N N 48  
ASN OXT  O  N N 49  
ASN H    H  N N 50  
ASN H2   H  N N 51  
ASN HA   H  N N 52  
ASN HB2  H  N N 53  
ASN HB3  H  N N 54  
ASN HD21 H  N N 55  
ASN HD22 H  N N 56  
ASN HXT  H  N N 57  
ASP N    N  N N 58  
ASP CA   C  N S 59  
ASP C    C  N N 60  
ASP O    O  N N 61  
ASP CB   C  N N 62  
ASP CG   C  N N 63  
ASP OD1  O  N N 64  
ASP OD2  O  N N 65  
ASP OXT  O  N N 66  
ASP H    H  N N 67  
ASP H2   H  N N 68  
ASP HA   H  N N 69  
ASP HB2  H  N N 70  
ASP HB3  H  N N 71  
ASP HD2  H  N N 72  
ASP HXT  H  N N 73  
CA  CA   CA N N 74  
GLN N    N  N N 75  
GLN CA   C  N S 76  
GLN C    C  N N 77  
GLN O    O  N N 78  
GLN CB   C  N N 79  
GLN CG   C  N N 80  
GLN CD   C  N N 81  
GLN OE1  O  N N 82  
GLN NE2  N  N N 83  
GLN OXT  O  N N 84  
GLN H    H  N N 85  
GLN H2   H  N N 86  
GLN HA   H  N N 87  
GLN HB2  H  N N 88  
GLN HB3  H  N N 89  
GLN HG2  H  N N 90  
GLN HG3  H  N N 91  
GLN HE21 H  N N 92  
GLN HE22 H  N N 93  
GLN HXT  H  N N 94  
GLU N    N  N N 95  
GLU CA   C  N S 96  
GLU C    C  N N 97  
GLU O    O  N N 98  
GLU CB   C  N N 99  
GLU CG   C  N N 100 
GLU CD   C  N N 101 
GLU OE1  O  N N 102 
GLU OE2  O  N N 103 
GLU OXT  O  N N 104 
GLU H    H  N N 105 
GLU H2   H  N N 106 
GLU HA   H  N N 107 
GLU HB2  H  N N 108 
GLU HB3  H  N N 109 
GLU HG2  H  N N 110 
GLU HG3  H  N N 111 
GLU HE2  H  N N 112 
GLU HXT  H  N N 113 
GLY N    N  N N 114 
GLY CA   C  N N 115 
GLY C    C  N N 116 
GLY O    O  N N 117 
GLY OXT  O  N N 118 
GLY H    H  N N 119 
GLY H2   H  N N 120 
GLY HA2  H  N N 121 
GLY HA3  H  N N 122 
GLY HXT  H  N N 123 
HIS N    N  N N 124 
HIS CA   C  N S 125 
HIS C    C  N N 126 
HIS O    O  N N 127 
HIS CB   C  N N 128 
HIS CG   C  Y N 129 
HIS ND1  N  Y N 130 
HIS CD2  C  Y N 131 
HIS CE1  C  Y N 132 
HIS NE2  N  Y N 133 
HIS OXT  O  N N 134 
HIS H    H  N N 135 
HIS H2   H  N N 136 
HIS HA   H  N N 137 
HIS HB2  H  N N 138 
HIS HB3  H  N N 139 
HIS HD1  H  N N 140 
HIS HD2  H  N N 141 
HIS HE1  H  N N 142 
HIS HE2  H  N N 143 
HIS HXT  H  N N 144 
HOH O    O  N N 145 
HOH H1   H  N N 146 
HOH H2   H  N N 147 
ILE N    N  N N 148 
ILE CA   C  N S 149 
ILE C    C  N N 150 
ILE O    O  N N 151 
ILE CB   C  N S 152 
ILE CG1  C  N N 153 
ILE CG2  C  N N 154 
ILE CD1  C  N N 155 
ILE OXT  O  N N 156 
ILE H    H  N N 157 
ILE H2   H  N N 158 
ILE HA   H  N N 159 
ILE HB   H  N N 160 
ILE HG12 H  N N 161 
ILE HG13 H  N N 162 
ILE HG21 H  N N 163 
ILE HG22 H  N N 164 
ILE HG23 H  N N 165 
ILE HD11 H  N N 166 
ILE HD12 H  N N 167 
ILE HD13 H  N N 168 
ILE HXT  H  N N 169 
LEU N    N  N N 170 
LEU CA   C  N S 171 
LEU C    C  N N 172 
LEU O    O  N N 173 
LEU CB   C  N N 174 
LEU CG   C  N N 175 
LEU CD1  C  N N 176 
LEU CD2  C  N N 177 
LEU OXT  O  N N 178 
LEU H    H  N N 179 
LEU H2   H  N N 180 
LEU HA   H  N N 181 
LEU HB2  H  N N 182 
LEU HB3  H  N N 183 
LEU HG   H  N N 184 
LEU HD11 H  N N 185 
LEU HD12 H  N N 186 
LEU HD13 H  N N 187 
LEU HD21 H  N N 188 
LEU HD22 H  N N 189 
LEU HD23 H  N N 190 
LEU HXT  H  N N 191 
LYS N    N  N N 192 
LYS CA   C  N S 193 
LYS C    C  N N 194 
LYS O    O  N N 195 
LYS CB   C  N N 196 
LYS CG   C  N N 197 
LYS CD   C  N N 198 
LYS CE   C  N N 199 
LYS NZ   N  N N 200 
LYS OXT  O  N N 201 
LYS H    H  N N 202 
LYS H2   H  N N 203 
LYS HA   H  N N 204 
LYS HB2  H  N N 205 
LYS HB3  H  N N 206 
LYS HG2  H  N N 207 
LYS HG3  H  N N 208 
LYS HD2  H  N N 209 
LYS HD3  H  N N 210 
LYS HE2  H  N N 211 
LYS HE3  H  N N 212 
LYS HZ1  H  N N 213 
LYS HZ2  H  N N 214 
LYS HZ3  H  N N 215 
LYS HXT  H  N N 216 
MET N    N  N N 217 
MET CA   C  N S 218 
MET C    C  N N 219 
MET O    O  N N 220 
MET CB   C  N N 221 
MET CG   C  N N 222 
MET SD   S  N N 223 
MET CE   C  N N 224 
MET OXT  O  N N 225 
MET H    H  N N 226 
MET H2   H  N N 227 
MET HA   H  N N 228 
MET HB2  H  N N 229 
MET HB3  H  N N 230 
MET HG2  H  N N 231 
MET HG3  H  N N 232 
MET HE1  H  N N 233 
MET HE2  H  N N 234 
MET HE3  H  N N 235 
MET HXT  H  N N 236 
PHE N    N  N N 237 
PHE CA   C  N S 238 
PHE C    C  N N 239 
PHE O    O  N N 240 
PHE CB   C  N N 241 
PHE CG   C  Y N 242 
PHE CD1  C  Y N 243 
PHE CD2  C  Y N 244 
PHE CE1  C  Y N 245 
PHE CE2  C  Y N 246 
PHE CZ   C  Y N 247 
PHE OXT  O  N N 248 
PHE H    H  N N 249 
PHE H2   H  N N 250 
PHE HA   H  N N 251 
PHE HB2  H  N N 252 
PHE HB3  H  N N 253 
PHE HD1  H  N N 254 
PHE HD2  H  N N 255 
PHE HE1  H  N N 256 
PHE HE2  H  N N 257 
PHE HZ   H  N N 258 
PHE HXT  H  N N 259 
SER N    N  N N 260 
SER CA   C  N S 261 
SER C    C  N N 262 
SER O    O  N N 263 
SER CB   C  N N 264 
SER OG   O  N N 265 
SER OXT  O  N N 266 
SER H    H  N N 267 
SER H2   H  N N 268 
SER HA   H  N N 269 
SER HB2  H  N N 270 
SER HB3  H  N N 271 
SER HG   H  N N 272 
SER HXT  H  N N 273 
THR N    N  N N 274 
THR CA   C  N S 275 
THR C    C  N N 276 
THR O    O  N N 277 
THR CB   C  N R 278 
THR OG1  O  N N 279 
THR CG2  C  N N 280 
THR OXT  O  N N 281 
THR H    H  N N 282 
THR H2   H  N N 283 
THR HA   H  N N 284 
THR HB   H  N N 285 
THR HG1  H  N N 286 
THR HG21 H  N N 287 
THR HG22 H  N N 288 
THR HG23 H  N N 289 
THR HXT  H  N N 290 
TYR N    N  N N 291 
TYR CA   C  N S 292 
TYR C    C  N N 293 
TYR O    O  N N 294 
TYR CB   C  N N 295 
TYR CG   C  Y N 296 
TYR CD1  C  Y N 297 
TYR CD2  C  Y N 298 
TYR CE1  C  Y N 299 
TYR CE2  C  Y N 300 
TYR CZ   C  Y N 301 
TYR OH   O  N N 302 
TYR OXT  O  N N 303 
TYR H    H  N N 304 
TYR H2   H  N N 305 
TYR HA   H  N N 306 
TYR HB2  H  N N 307 
TYR HB3  H  N N 308 
TYR HD1  H  N N 309 
TYR HD2  H  N N 310 
TYR HE1  H  N N 311 
TYR HE2  H  N N 312 
TYR HH   H  N N 313 
TYR HXT  H  N N 314 
VAL N    N  N N 315 
VAL CA   C  N S 316 
VAL C    C  N N 317 
VAL O    O  N N 318 
VAL CB   C  N N 319 
VAL CG1  C  N N 320 
VAL CG2  C  N N 321 
VAL OXT  O  N N 322 
VAL H    H  N N 323 
VAL H2   H  N N 324 
VAL HA   H  N N 325 
VAL HB   H  N N 326 
VAL HG11 H  N N 327 
VAL HG12 H  N N 328 
VAL HG13 H  N N 329 
VAL HG21 H  N N 330 
VAL HG22 H  N N 331 
VAL HG23 H  N N 332 
VAL HXT  H  N N 333 
# 
loop_
_chem_comp_bond.comp_id 
_chem_comp_bond.atom_id_1 
_chem_comp_bond.atom_id_2 
_chem_comp_bond.value_order 
_chem_comp_bond.pdbx_aromatic_flag 
_chem_comp_bond.pdbx_stereo_config 
_chem_comp_bond.pdbx_ordinal 
ALA N   CA   sing N N 1   
ALA N   H    sing N N 2   
ALA N   H2   sing N N 3   
ALA CA  C    sing N N 4   
ALA CA  CB   sing N N 5   
ALA CA  HA   sing N N 6   
ALA C   O    doub N N 7   
ALA C   OXT  sing N N 8   
ALA CB  HB1  sing N N 9   
ALA CB  HB2  sing N N 10  
ALA CB  HB3  sing N N 11  
ALA OXT HXT  sing N N 12  
ARG N   CA   sing N N 13  
ARG N   H    sing N N 14  
ARG N   H2   sing N N 15  
ARG CA  C    sing N N 16  
ARG CA  CB   sing N N 17  
ARG CA  HA   sing N N 18  
ARG C   O    doub N N 19  
ARG C   OXT  sing N N 20  
ARG CB  CG   sing N N 21  
ARG CB  HB2  sing N N 22  
ARG CB  HB3  sing N N 23  
ARG CG  CD   sing N N 24  
ARG CG  HG2  sing N N 25  
ARG CG  HG3  sing N N 26  
ARG CD  NE   sing N N 27  
ARG CD  HD2  sing N N 28  
ARG CD  HD3  sing N N 29  
ARG NE  CZ   sing N N 30  
ARG NE  HE   sing N N 31  
ARG CZ  NH1  sing N N 32  
ARG CZ  NH2  doub N N 33  
ARG NH1 HH11 sing N N 34  
ARG NH1 HH12 sing N N 35  
ARG NH2 HH21 sing N N 36  
ARG NH2 HH22 sing N N 37  
ARG OXT HXT  sing N N 38  
ASN N   CA   sing N N 39  
ASN N   H    sing N N 40  
ASN N   H2   sing N N 41  
ASN CA  C    sing N N 42  
ASN CA  CB   sing N N 43  
ASN CA  HA   sing N N 44  
ASN C   O    doub N N 45  
ASN C   OXT  sing N N 46  
ASN CB  CG   sing N N 47  
ASN CB  HB2  sing N N 48  
ASN CB  HB3  sing N N 49  
ASN CG  OD1  doub N N 50  
ASN CG  ND2  sing N N 51  
ASN ND2 HD21 sing N N 52  
ASN ND2 HD22 sing N N 53  
ASN OXT HXT  sing N N 54  
ASP N   CA   sing N N 55  
ASP N   H    sing N N 56  
ASP N   H2   sing N N 57  
ASP CA  C    sing N N 58  
ASP CA  CB   sing N N 59  
ASP CA  HA   sing N N 60  
ASP C   O    doub N N 61  
ASP C   OXT  sing N N 62  
ASP CB  CG   sing N N 63  
ASP CB  HB2  sing N N 64  
ASP CB  HB3  sing N N 65  
ASP CG  OD1  doub N N 66  
ASP CG  OD2  sing N N 67  
ASP OD2 HD2  sing N N 68  
ASP OXT HXT  sing N N 69  
GLN N   CA   sing N N 70  
GLN N   H    sing N N 71  
GLN N   H2   sing N N 72  
GLN CA  C    sing N N 73  
GLN CA  CB   sing N N 74  
GLN CA  HA   sing N N 75  
GLN C   O    doub N N 76  
GLN C   OXT  sing N N 77  
GLN CB  CG   sing N N 78  
GLN CB  HB2  sing N N 79  
GLN CB  HB3  sing N N 80  
GLN CG  CD   sing N N 81  
GLN CG  HG2  sing N N 82  
GLN CG  HG3  sing N N 83  
GLN CD  OE1  doub N N 84  
GLN CD  NE2  sing N N 85  
GLN NE2 HE21 sing N N 86  
GLN NE2 HE22 sing N N 87  
GLN OXT HXT  sing N N 88  
GLU N   CA   sing N N 89  
GLU N   H    sing N N 90  
GLU N   H2   sing N N 91  
GLU CA  C    sing N N 92  
GLU CA  CB   sing N N 93  
GLU CA  HA   sing N N 94  
GLU C   O    doub N N 95  
GLU C   OXT  sing N N 96  
GLU CB  CG   sing N N 97  
GLU CB  HB2  sing N N 98  
GLU CB  HB3  sing N N 99  
GLU CG  CD   sing N N 100 
GLU CG  HG2  sing N N 101 
GLU CG  HG3  sing N N 102 
GLU CD  OE1  doub N N 103 
GLU CD  OE2  sing N N 104 
GLU OE2 HE2  sing N N 105 
GLU OXT HXT  sing N N 106 
GLY N   CA   sing N N 107 
GLY N   H    sing N N 108 
GLY N   H2   sing N N 109 
GLY CA  C    sing N N 110 
GLY CA  HA2  sing N N 111 
GLY CA  HA3  sing N N 112 
GLY C   O    doub N N 113 
GLY C   OXT  sing N N 114 
GLY OXT HXT  sing N N 115 
HIS N   CA   sing N N 116 
HIS N   H    sing N N 117 
HIS N   H2   sing N N 118 
HIS CA  C    sing N N 119 
HIS CA  CB   sing N N 120 
HIS CA  HA   sing N N 121 
HIS C   O    doub N N 122 
HIS C   OXT  sing N N 123 
HIS CB  CG   sing N N 124 
HIS CB  HB2  sing N N 125 
HIS CB  HB3  sing N N 126 
HIS CG  ND1  sing Y N 127 
HIS CG  CD2  doub Y N 128 
HIS ND1 CE1  doub Y N 129 
HIS ND1 HD1  sing N N 130 
HIS CD2 NE2  sing Y N 131 
HIS CD2 HD2  sing N N 132 
HIS CE1 NE2  sing Y N 133 
HIS CE1 HE1  sing N N 134 
HIS NE2 HE2  sing N N 135 
HIS OXT HXT  sing N N 136 
HOH O   H1   sing N N 137 
HOH O   H2   sing N N 138 
ILE N   CA   sing N N 139 
ILE N   H    sing N N 140 
ILE N   H2   sing N N 141 
ILE CA  C    sing N N 142 
ILE CA  CB   sing N N 143 
ILE CA  HA   sing N N 144 
ILE C   O    doub N N 145 
ILE C   OXT  sing N N 146 
ILE CB  CG1  sing N N 147 
ILE CB  CG2  sing N N 148 
ILE CB  HB   sing N N 149 
ILE CG1 CD1  sing N N 150 
ILE CG1 HG12 sing N N 151 
ILE CG1 HG13 sing N N 152 
ILE CG2 HG21 sing N N 153 
ILE CG2 HG22 sing N N 154 
ILE CG2 HG23 sing N N 155 
ILE CD1 HD11 sing N N 156 
ILE CD1 HD12 sing N N 157 
ILE CD1 HD13 sing N N 158 
ILE OXT HXT  sing N N 159 
LEU N   CA   sing N N 160 
LEU N   H    sing N N 161 
LEU N   H2   sing N N 162 
LEU CA  C    sing N N 163 
LEU CA  CB   sing N N 164 
LEU CA  HA   sing N N 165 
LEU C   O    doub N N 166 
LEU C   OXT  sing N N 167 
LEU CB  CG   sing N N 168 
LEU CB  HB2  sing N N 169 
LEU CB  HB3  sing N N 170 
LEU CG  CD1  sing N N 171 
LEU CG  CD2  sing N N 172 
LEU CG  HG   sing N N 173 
LEU CD1 HD11 sing N N 174 
LEU CD1 HD12 sing N N 175 
LEU CD1 HD13 sing N N 176 
LEU CD2 HD21 sing N N 177 
LEU CD2 HD22 sing N N 178 
LEU CD2 HD23 sing N N 179 
LEU OXT HXT  sing N N 180 
LYS N   CA   sing N N 181 
LYS N   H    sing N N 182 
LYS N   H2   sing N N 183 
LYS CA  C    sing N N 184 
LYS CA  CB   sing N N 185 
LYS CA  HA   sing N N 186 
LYS C   O    doub N N 187 
LYS C   OXT  sing N N 188 
LYS CB  CG   sing N N 189 
LYS CB  HB2  sing N N 190 
LYS CB  HB3  sing N N 191 
LYS CG  CD   sing N N 192 
LYS CG  HG2  sing N N 193 
LYS CG  HG3  sing N N 194 
LYS CD  CE   sing N N 195 
LYS CD  HD2  sing N N 196 
LYS CD  HD3  sing N N 197 
LYS CE  NZ   sing N N 198 
LYS CE  HE2  sing N N 199 
LYS CE  HE3  sing N N 200 
LYS NZ  HZ1  sing N N 201 
LYS NZ  HZ2  sing N N 202 
LYS NZ  HZ3  sing N N 203 
LYS OXT HXT  sing N N 204 
MET N   CA   sing N N 205 
MET N   H    sing N N 206 
MET N   H2   sing N N 207 
MET CA  C    sing N N 208 
MET CA  CB   sing N N 209 
MET CA  HA   sing N N 210 
MET C   O    doub N N 211 
MET C   OXT  sing N N 212 
MET CB  CG   sing N N 213 
MET CB  HB2  sing N N 214 
MET CB  HB3  sing N N 215 
MET CG  SD   sing N N 216 
MET CG  HG2  sing N N 217 
MET CG  HG3  sing N N 218 
MET SD  CE   sing N N 219 
MET CE  HE1  sing N N 220 
MET CE  HE2  sing N N 221 
MET CE  HE3  sing N N 222 
MET OXT HXT  sing N N 223 
PHE N   CA   sing N N 224 
PHE N   H    sing N N 225 
PHE N   H2   sing N N 226 
PHE CA  C    sing N N 227 
PHE CA  CB   sing N N 228 
PHE CA  HA   sing N N 229 
PHE C   O    doub N N 230 
PHE C   OXT  sing N N 231 
PHE CB  CG   sing N N 232 
PHE CB  HB2  sing N N 233 
PHE CB  HB3  sing N N 234 
PHE CG  CD1  doub Y N 235 
PHE CG  CD2  sing Y N 236 
PHE CD1 CE1  sing Y N 237 
PHE CD1 HD1  sing N N 238 
PHE CD2 CE2  doub Y N 239 
PHE CD2 HD2  sing N N 240 
PHE CE1 CZ   doub Y N 241 
PHE CE1 HE1  sing N N 242 
PHE CE2 CZ   sing Y N 243 
PHE CE2 HE2  sing N N 244 
PHE CZ  HZ   sing N N 245 
PHE OXT HXT  sing N N 246 
SER N   CA   sing N N 247 
SER N   H    sing N N 248 
SER N   H2   sing N N 249 
SER CA  C    sing N N 250 
SER CA  CB   sing N N 251 
SER CA  HA   sing N N 252 
SER C   O    doub N N 253 
SER C   OXT  sing N N 254 
SER CB  OG   sing N N 255 
SER CB  HB2  sing N N 256 
SER CB  HB3  sing N N 257 
SER OG  HG   sing N N 258 
SER OXT HXT  sing N N 259 
THR N   CA   sing N N 260 
THR N   H    sing N N 261 
THR N   H2   sing N N 262 
THR CA  C    sing N N 263 
THR CA  CB   sing N N 264 
THR CA  HA   sing N N 265 
THR C   O    doub N N 266 
THR C   OXT  sing N N 267 
THR CB  OG1  sing N N 268 
THR CB  CG2  sing N N 269 
THR CB  HB   sing N N 270 
THR OG1 HG1  sing N N 271 
THR CG2 HG21 sing N N 272 
THR CG2 HG22 sing N N 273 
THR CG2 HG23 sing N N 274 
THR OXT HXT  sing N N 275 
TYR N   CA   sing N N 276 
TYR N   H    sing N N 277 
TYR N   H2   sing N N 278 
TYR CA  C    sing N N 279 
TYR CA  CB   sing N N 280 
TYR CA  HA   sing N N 281 
TYR C   O    doub N N 282 
TYR C   OXT  sing N N 283 
TYR CB  CG   sing N N 284 
TYR CB  HB2  sing N N 285 
TYR CB  HB3  sing N N 286 
TYR CG  CD1  doub Y N 287 
TYR CG  CD2  sing Y N 288 
TYR CD1 CE1  sing Y N 289 
TYR CD1 HD1  sing N N 290 
TYR CD2 CE2  doub Y N 291 
TYR CD2 HD2  sing N N 292 
TYR CE1 CZ   doub Y N 293 
TYR CE1 HE1  sing N N 294 
TYR CE2 CZ   sing Y N 295 
TYR CE2 HE2  sing N N 296 
TYR CZ  OH   sing N N 297 
TYR OH  HH   sing N N 298 
TYR OXT HXT  sing N N 299 
VAL N   CA   sing N N 300 
VAL N   H    sing N N 301 
VAL N   H2   sing N N 302 
VAL CA  C    sing N N 303 
VAL CA  CB   sing N N 304 
VAL CA  HA   sing N N 305 
VAL C   O    doub N N 306 
VAL C   OXT  sing N N 307 
VAL CB  CG1  sing N N 308 
VAL CB  CG2  sing N N 309 
VAL CB  HB   sing N N 310 
VAL CG1 HG11 sing N N 311 
VAL CG1 HG12 sing N N 312 
VAL CG1 HG13 sing N N 313 
VAL CG2 HG21 sing N N 314 
VAL CG2 HG22 sing N N 315 
VAL CG2 HG23 sing N N 316 
VAL OXT HXT  sing N N 317 
# 
loop_
_pdbx_entity_nonpoly.entity_id 
_pdbx_entity_nonpoly.name 
_pdbx_entity_nonpoly.comp_id 
2 'CALCIUM ION' CA  
3 water         HOH 
# 
_pdbx_initial_refinement_model.id               1 
_pdbx_initial_refinement_model.entity_id_list   ? 
_pdbx_initial_refinement_model.type             'experimental model' 
_pdbx_initial_refinement_model.source_name      PDB 
_pdbx_initial_refinement_model.accession_code   1CLL 
_pdbx_initial_refinement_model.details          ? 
# 
